data_1CZ2
#
_entry.id   1CZ2
#
_cell.length_a   1.000
_cell.length_b   1.000
_cell.length_c   1.000
_cell.angle_alpha   90.00
_cell.angle_beta   90.00
_cell.angle_gamma   90.00
#
_symmetry.space_group_name_H-M   'P 1'
#
loop_
_entity.id
_entity.type
_entity.pdbx_description
1 polymer 'NONSPECIFIC LIPID TRANSFER PROTEIN'
2 non-polymer 'PROSTAGLANDIN B2'
#
_entity_poly.entity_id   1
_entity_poly.type   'polypeptide(L)'
_entity_poly.pdbx_seq_one_letter_code
;IDCGHVDSLVRPCLSYVQGGPGPSGQCCDGVKNLHNQARSQSDRQSACNCLKGIARGIHNLNEDNARSIPPKCGVNLPYT
ISLNIDCSRV
;
_entity_poly.pdbx_strand_id   A
#
# COMPACT_ATOMS: atom_id res chain seq x y z
N ILE A 1 -11.58 -0.59 2.34
CA ILE A 1 -12.41 0.58 2.01
C ILE A 1 -12.59 0.68 0.50
N ASP A 2 -13.59 1.44 0.00
CA ASP A 2 -13.82 1.51 -1.44
C ASP A 2 -12.77 2.32 -2.18
N CYS A 3 -11.48 1.91 -2.16
CA CYS A 3 -10.47 2.56 -3.01
C CYS A 3 -10.57 4.07 -2.99
N GLY A 4 -10.54 4.70 -1.79
CA GLY A 4 -10.66 6.16 -1.71
C GLY A 4 -9.81 6.68 -0.58
N HIS A 5 -10.19 6.46 0.70
CA HIS A 5 -9.31 6.89 1.79
C HIS A 5 -7.96 6.24 1.64
N VAL A 6 -7.89 4.97 1.16
CA VAL A 6 -6.59 4.37 0.84
C VAL A 6 -5.89 5.27 -0.15
N ASP A 7 -6.55 5.62 -1.28
CA ASP A 7 -5.91 6.47 -2.28
C ASP A 7 -5.34 7.71 -1.61
N SER A 8 -6.13 8.40 -0.76
CA SER A 8 -5.60 9.58 -0.07
C SER A 8 -4.41 9.22 0.79
N LEU A 9 -4.50 8.16 1.63
CA LEU A 9 -3.43 7.85 2.57
C LEU A 9 -2.16 7.37 1.90
N VAL A 10 -2.20 6.76 0.71
CA VAL A 10 -0.93 6.35 0.07
C VAL A 10 -0.14 7.56 -0.38
N ARG A 11 -0.78 8.65 -0.86
CA ARG A 11 -0.02 9.81 -1.34
C ARG A 11 1.21 10.16 -0.52
N PRO A 12 1.18 10.46 0.81
CA PRO A 12 2.42 10.74 1.52
C PRO A 12 3.40 9.58 1.45
N CYS A 13 2.94 8.32 1.30
CA CYS A 13 3.89 7.22 1.12
C CYS A 13 4.51 7.26 -0.26
N LEU A 14 3.74 7.59 -1.33
CA LEU A 14 4.28 7.55 -2.69
C LEU A 14 5.67 8.13 -2.80
N SER A 15 6.00 9.24 -2.11
CA SER A 15 7.35 9.79 -2.21
C SER A 15 8.40 8.69 -2.06
N TYR A 16 8.28 7.86 -1.01
CA TYR A 16 9.27 6.81 -0.79
C TYR A 16 9.07 5.66 -1.75
N VAL A 17 7.80 5.25 -2.00
CA VAL A 17 7.54 4.14 -2.92
C VAL A 17 8.22 4.43 -4.24
N GLN A 18 8.07 5.68 -4.73
CA GLN A 18 8.70 6.07 -5.98
C GLN A 18 10.19 6.13 -5.78
N GLY A 19 10.66 6.85 -4.74
CA GLY A 19 12.10 6.94 -4.49
C GLY A 19 12.40 8.12 -3.59
N GLY A 20 12.60 7.92 -2.27
CA GLY A 20 12.81 9.07 -1.39
C GLY A 20 13.12 8.65 0.03
N PRO A 21 13.39 9.58 0.98
CA PRO A 21 13.67 9.16 2.35
C PRO A 21 12.38 8.98 3.12
N GLY A 22 12.46 8.56 4.40
CA GLY A 22 11.25 8.41 5.21
C GLY A 22 10.57 7.08 4.92
N PRO A 23 9.26 6.98 4.56
CA PRO A 23 8.40 8.13 4.32
C PRO A 23 8.03 8.86 5.59
N SER A 24 7.22 9.94 5.47
CA SER A 24 6.87 10.76 6.63
C SER A 24 6.04 10.01 7.66
N GLY A 25 5.95 10.54 8.90
CA GLY A 25 5.10 9.90 9.91
C GLY A 25 3.68 9.79 9.43
N GLN A 26 3.15 10.80 8.68
CA GLN A 26 1.79 10.68 8.15
C GLN A 26 1.65 9.35 7.43
N CYS A 27 2.62 8.97 6.56
CA CYS A 27 2.52 7.67 5.91
C CYS A 27 2.48 6.59 6.98
N CYS A 28 3.34 6.62 8.02
CA CYS A 28 3.26 5.56 9.03
C CYS A 28 1.86 5.47 9.60
N ASP A 29 1.20 6.60 9.94
CA ASP A 29 -0.19 6.51 10.37
C ASP A 29 -0.98 5.87 9.26
N GLY A 30 -0.75 6.30 8.00
CA GLY A 30 -1.36 5.63 6.86
C GLY A 30 -1.12 4.15 6.86
N VAL A 31 0.09 3.66 7.22
CA VAL A 31 0.36 2.22 7.13
C VAL A 31 -0.57 1.48 8.06
N LYS A 32 -0.56 1.78 9.38
CA LYS A 32 -1.44 1.07 10.30
C LYS A 32 -2.88 1.22 9.84
N ASN A 33 -3.28 2.40 9.32
CA ASN A 33 -4.63 2.52 8.79
C ASN A 33 -4.83 1.59 7.61
N LEU A 34 -3.93 1.52 6.60
CA LEU A 34 -4.14 0.57 5.51
C LEU A 34 -4.33 -0.81 6.09
N HIS A 35 -3.37 -1.29 6.91
CA HIS A 35 -3.56 -2.61 7.53
C HIS A 35 -4.94 -2.71 8.14
N ASN A 36 -5.39 -1.69 8.90
CA ASN A 36 -6.72 -1.77 9.52
C ASN A 36 -7.85 -1.77 8.53
N GLN A 37 -7.78 -0.94 7.46
CA GLN A 37 -8.88 -0.92 6.48
C GLN A 37 -8.88 -2.21 5.70
N ALA A 38 -7.72 -2.64 5.18
CA ALA A 38 -7.67 -3.85 4.35
C ALA A 38 -7.86 -5.11 5.16
N ARG A 39 -9.09 -5.39 5.65
CA ARG A 39 -9.36 -6.60 6.43
C ARG A 39 -10.56 -7.37 5.92
N SER A 40 -11.75 -6.77 5.67
CA SER A 40 -12.83 -7.58 5.10
C SER A 40 -12.42 -8.10 3.74
N GLN A 41 -13.12 -9.10 3.18
CA GLN A 41 -12.72 -9.64 1.88
C GLN A 41 -12.93 -8.56 0.84
N SER A 42 -14.10 -7.89 0.84
CA SER A 42 -14.31 -6.78 -0.09
C SER A 42 -13.14 -5.82 -0.05
N ASP A 43 -12.68 -5.46 1.17
CA ASP A 43 -11.61 -4.47 1.29
C ASP A 43 -10.39 -4.93 0.53
N ARG A 44 -9.96 -6.20 0.71
CA ARG A 44 -8.81 -6.68 -0.04
C ARG A 44 -9.05 -6.50 -1.52
N GLN A 45 -10.27 -6.81 -2.02
CA GLN A 45 -10.52 -6.65 -3.46
C GLN A 45 -10.38 -5.19 -3.82
N SER A 46 -11.09 -4.29 -3.11
CA SER A 46 -11.05 -2.87 -3.48
C SER A 46 -9.63 -2.33 -3.39
N ALA A 47 -8.92 -2.57 -2.28
CA ALA A 47 -7.53 -2.07 -2.17
C ALA A 47 -6.72 -2.63 -3.32
N CYS A 48 -6.77 -3.95 -3.57
CA CYS A 48 -6.03 -4.52 -4.69
C CYS A 48 -6.36 -3.82 -5.99
N ASN A 49 -7.66 -3.59 -6.32
CA ASN A 49 -7.96 -2.89 -7.57
C ASN A 49 -7.38 -1.50 -7.51
N CYS A 50 -7.57 -0.76 -6.39
CA CYS A 50 -6.99 0.58 -6.27
C CYS A 50 -5.53 0.51 -6.66
N LEU A 51 -4.79 -0.45 -6.09
CA LEU A 51 -3.38 -0.60 -6.44
C LEU A 51 -3.21 -0.87 -7.92
N LYS A 52 -3.89 -1.89 -8.48
CA LYS A 52 -3.71 -2.19 -9.90
C LYS A 52 -4.07 -1.00 -10.76
N GLY A 53 -4.88 -0.03 -10.27
CA GLY A 53 -5.07 1.21 -11.02
C GLY A 53 -3.96 2.23 -10.76
N ILE A 54 -3.56 2.44 -9.49
CA ILE A 54 -2.69 3.59 -9.16
C ILE A 54 -1.23 3.33 -9.45
N ALA A 55 -0.51 2.54 -8.64
CA ALA A 55 0.95 2.49 -8.77
C ALA A 55 1.32 1.76 -10.03
N ARG A 56 0.63 0.63 -10.36
CA ARG A 56 0.89 -0.02 -11.64
C ARG A 56 0.81 1.05 -12.72
N GLY A 57 -0.23 1.91 -12.69
CA GLY A 57 -0.30 3.01 -13.65
C GLY A 57 0.96 3.85 -13.59
N ILE A 58 1.41 4.27 -12.38
CA ILE A 58 2.66 5.02 -12.28
C ILE A 58 3.78 4.01 -12.42
N HIS A 59 4.07 3.51 -13.64
CA HIS A 59 5.11 2.48 -13.78
C HIS A 59 6.45 2.93 -13.25
N ASN A 60 6.85 4.20 -13.49
CA ASN A 60 8.17 4.66 -13.01
C ASN A 60 8.16 4.68 -11.49
N LEU A 61 8.36 3.52 -10.82
CA LEU A 61 8.12 3.43 -9.38
C LEU A 61 8.86 2.23 -8.80
N ASN A 62 9.21 2.20 -7.49
CA ASN A 62 10.11 1.18 -6.95
C ASN A 62 9.43 0.35 -5.88
N GLU A 63 8.65 -0.68 -6.28
CA GLU A 63 7.99 -1.53 -5.29
C GLU A 63 8.95 -2.17 -4.32
N ASP A 64 10.14 -2.61 -4.77
CA ASP A 64 11.03 -3.33 -3.85
C ASP A 64 11.53 -2.40 -2.78
N ASN A 65 11.80 -1.11 -3.10
CA ASN A 65 12.09 -0.15 -2.03
C ASN A 65 10.93 -0.15 -1.08
N ALA A 66 9.69 0.04 -1.58
CA ALA A 66 8.52 0.09 -0.69
C ALA A 66 8.48 -1.09 0.26
N ARG A 67 8.95 -2.29 -0.17
CA ARG A 67 9.02 -3.43 0.74
C ARG A 67 9.50 -3.02 2.12
N SER A 68 10.51 -2.13 2.20
CA SER A 68 11.08 -1.73 3.49
C SER A 68 10.15 -0.92 4.35
N ILE A 69 9.05 -0.33 3.84
CA ILE A 69 8.20 0.53 4.68
C ILE A 69 7.73 -0.22 5.93
N PRO A 70 6.94 -1.32 5.90
CA PRO A 70 6.55 -1.95 7.15
C PRO A 70 7.67 -2.26 8.13
N PRO A 71 8.78 -3.00 7.82
CA PRO A 71 9.83 -3.21 8.82
C PRO A 71 10.66 -1.95 8.98
N LYS A 72 10.07 -0.88 9.55
CA LYS A 72 10.78 0.37 9.77
C LYS A 72 10.02 1.19 10.79
N CYS A 73 8.76 1.59 10.49
CA CYS A 73 7.96 2.26 11.51
C CYS A 73 7.57 1.26 12.59
N GLY A 74 7.28 -0.01 12.22
CA GLY A 74 6.98 -1.06 13.21
C GLY A 74 5.59 -1.60 13.01
N VAL A 75 5.32 -2.29 11.88
CA VAL A 75 3.95 -2.72 11.56
C VAL A 75 3.96 -3.65 10.36
N ASN A 76 2.94 -4.52 10.14
CA ASN A 76 2.94 -5.43 8.99
C ASN A 76 1.58 -5.44 8.30
N LEU A 77 1.50 -6.01 7.07
CA LEU A 77 0.28 -5.99 6.26
C LEU A 77 -0.21 -7.40 6.04
N PRO A 78 -1.50 -7.72 5.71
CA PRO A 78 -1.83 -9.10 5.36
C PRO A 78 -1.08 -9.55 4.13
N TYR A 79 -0.75 -8.65 3.18
CA TYR A 79 0.17 -9.00 2.08
C TYR A 79 0.94 -7.76 1.68
N THR A 80 2.10 -7.87 1.02
CA THR A 80 2.92 -6.68 0.80
C THR A 80 2.31 -5.80 -0.27
N ILE A 81 2.45 -6.15 -1.57
CA ILE A 81 1.96 -5.25 -2.62
C ILE A 81 1.84 -5.96 -3.95
N SER A 82 0.81 -5.68 -4.80
CA SER A 82 0.61 -6.47 -6.03
C SER A 82 1.28 -5.90 -7.25
N LEU A 83 2.58 -5.55 -7.15
CA LEU A 83 3.35 -5.14 -8.33
C LEU A 83 4.26 -6.29 -8.70
N ASN A 84 5.15 -6.76 -7.79
CA ASN A 84 5.93 -7.97 -8.05
C ASN A 84 5.50 -9.11 -7.14
N ILE A 85 4.27 -9.10 -6.55
CA ILE A 85 3.81 -10.23 -5.73
C ILE A 85 2.42 -10.64 -6.22
N ASP A 86 1.29 -10.26 -5.59
CA ASP A 86 -0.01 -10.73 -6.08
C ASP A 86 -1.20 -9.96 -5.54
N CYS A 87 -2.35 -10.00 -6.25
CA CYS A 87 -3.57 -9.30 -5.79
C CYS A 87 -4.06 -9.75 -4.44
N SER A 88 -3.68 -10.95 -3.92
CA SER A 88 -4.14 -11.35 -2.59
C SER A 88 -5.65 -11.26 -2.51
N ARG A 89 -6.36 -11.98 -3.42
CA ARG A 89 -7.82 -11.93 -3.42
C ARG A 89 -8.33 -12.75 -2.26
N VAL A 90 -8.15 -12.29 -1.00
CA VAL A 90 -8.67 -13.06 0.13
C VAL A 90 -10.16 -12.87 0.15
N ILE A 1 -11.34 -0.52 2.16
CA ILE A 1 -12.25 0.61 1.88
C ILE A 1 -12.40 0.79 0.37
N ASP A 2 -13.43 1.52 -0.11
CA ASP A 2 -13.64 1.67 -1.55
C ASP A 2 -12.59 2.54 -2.23
N CYS A 3 -11.30 2.14 -2.23
CA CYS A 3 -10.28 2.86 -3.00
C CYS A 3 -10.38 4.37 -2.93
N GLY A 4 -10.50 4.94 -1.71
CA GLY A 4 -10.64 6.39 -1.56
C GLY A 4 -9.76 6.89 -0.44
N HIS A 5 -10.13 6.62 0.83
CA HIS A 5 -9.24 7.01 1.93
C HIS A 5 -7.90 6.34 1.73
N VAL A 6 -7.86 5.07 1.28
CA VAL A 6 -6.57 4.45 0.95
C VAL A 6 -5.86 5.34 -0.05
N ASP A 7 -6.52 5.71 -1.17
CA ASP A 7 -5.87 6.54 -2.18
C ASP A 7 -5.26 7.76 -1.53
N SER A 8 -6.04 8.49 -0.70
CA SER A 8 -5.49 9.66 -0.02
C SER A 8 -4.31 9.30 0.88
N LEU A 9 -4.44 8.24 1.70
CA LEU A 9 -3.38 7.90 2.65
C LEU A 9 -2.10 7.43 1.99
N VAL A 10 -2.15 6.77 0.82
CA VAL A 10 -0.89 6.36 0.18
C VAL A 10 -0.13 7.57 -0.34
N ARG A 11 -0.79 8.63 -0.85
CA ARG A 11 -0.06 9.79 -1.37
C ARG A 11 1.20 10.16 -0.58
N PRO A 12 1.19 10.48 0.73
CA PRO A 12 2.46 10.78 1.41
C PRO A 12 3.45 9.63 1.34
N CYS A 13 3.00 8.37 1.25
CA CYS A 13 3.95 7.26 1.07
C CYS A 13 4.55 7.31 -0.32
N LEU A 14 3.77 7.63 -1.38
CA LEU A 14 4.29 7.57 -2.75
C LEU A 14 5.67 8.16 -2.89
N SER A 15 6.01 9.27 -2.20
CA SER A 15 7.36 9.83 -2.33
C SER A 15 8.41 8.75 -2.14
N TYR A 16 8.31 7.96 -1.05
CA TYR A 16 9.30 6.91 -0.80
C TYR A 16 9.13 5.75 -1.77
N VAL A 17 7.87 5.34 -2.04
CA VAL A 17 7.62 4.21 -2.94
C VAL A 17 8.30 4.50 -4.26
N GLN A 18 8.13 5.74 -4.78
CA GLN A 18 8.76 6.12 -6.04
C GLN A 18 10.25 6.21 -5.83
N GLY A 19 10.69 6.93 -4.78
CA GLY A 19 12.13 7.04 -4.51
C GLY A 19 12.39 8.21 -3.59
N GLY A 20 12.61 7.99 -2.27
CA GLY A 20 12.79 9.13 -1.38
C GLY A 20 13.11 8.70 0.04
N PRO A 21 13.37 9.62 1.00
CA PRO A 21 13.67 9.20 2.37
C PRO A 21 12.39 9.00 3.16
N GLY A 22 12.50 8.54 4.43
CA GLY A 22 11.31 8.37 5.25
C GLY A 22 10.61 7.07 4.94
N PRO A 23 9.30 6.97 4.59
CA PRO A 23 8.45 8.14 4.36
C PRO A 23 8.07 8.84 5.64
N SER A 24 7.25 9.93 5.55
CA SER A 24 6.91 10.71 6.73
C SER A 24 6.05 9.95 7.72
N GLY A 25 5.93 10.46 8.98
CA GLY A 25 5.05 9.82 9.95
C GLY A 25 3.64 9.71 9.43
N GLN A 26 3.13 10.73 8.68
CA GLN A 26 1.78 10.62 8.13
C GLN A 26 1.65 9.31 7.39
N CYS A 27 2.62 8.95 6.53
CA CYS A 27 2.53 7.65 5.87
C CYS A 27 2.47 6.56 6.91
N CYS A 28 3.32 6.57 7.97
CA CYS A 28 3.24 5.51 8.97
C CYS A 28 1.84 5.42 9.52
N ASP A 29 1.17 6.55 9.86
CA ASP A 29 -0.22 6.45 10.29
C ASP A 29 -1.01 5.81 9.17
N GLY A 30 -0.77 6.25 7.91
CA GLY A 30 -1.38 5.58 6.77
C GLY A 30 -1.13 4.08 6.77
N VAL A 31 0.08 3.61 7.14
CA VAL A 31 0.36 2.18 7.07
C VAL A 31 -0.59 1.44 8.01
N LYS A 32 -0.58 1.76 9.32
CA LYS A 32 -1.46 1.04 10.24
C LYS A 32 -2.90 1.18 9.78
N ASN A 33 -3.30 2.36 9.26
CA ASN A 33 -4.66 2.47 8.72
C ASN A 33 -4.86 1.52 7.55
N LEU A 34 -3.95 1.45 6.55
CA LEU A 34 -4.14 0.49 5.46
C LEU A 34 -4.32 -0.89 6.06
N HIS A 35 -3.39 -1.36 6.92
CA HIS A 35 -3.58 -2.66 7.56
C HIS A 35 -4.97 -2.74 8.17
N ASN A 36 -5.42 -1.71 8.92
CA ASN A 36 -6.74 -1.78 9.56
C ASN A 36 -7.87 -1.81 8.56
N GLN A 37 -7.78 -1.04 7.45
CA GLN A 37 -8.86 -1.03 6.46
C GLN A 37 -8.83 -2.33 5.67
N ALA A 38 -7.66 -2.76 5.17
CA ALA A 38 -7.60 -3.99 4.37
C ALA A 38 -7.83 -5.23 5.22
N ARG A 39 -9.08 -5.47 5.67
CA ARG A 39 -9.38 -6.67 6.47
C ARG A 39 -10.58 -7.43 5.94
N SER A 40 -11.77 -6.82 5.68
CA SER A 40 -12.86 -7.61 5.11
C SER A 40 -12.46 -8.13 3.75
N GLN A 41 -13.15 -9.14 3.18
CA GLN A 41 -12.76 -9.67 1.88
C GLN A 41 -12.95 -8.58 0.84
N SER A 42 -14.12 -7.90 0.84
CA SER A 42 -14.32 -6.79 -0.08
C SER A 42 -13.14 -5.84 -0.01
N ASP A 43 -12.70 -5.48 1.21
CA ASP A 43 -11.63 -4.51 1.34
C ASP A 43 -10.39 -4.97 0.60
N ARG A 44 -9.97 -6.24 0.78
CA ARG A 44 -8.80 -6.72 0.04
C ARG A 44 -9.04 -6.55 -1.45
N GLN A 45 -10.25 -6.86 -1.96
CA GLN A 45 -10.48 -6.69 -3.39
C GLN A 45 -10.33 -5.23 -3.75
N SER A 46 -11.03 -4.32 -3.04
CA SER A 46 -10.97 -2.90 -3.37
C SER A 46 -9.54 -2.41 -3.32
N ALA A 47 -8.80 -2.66 -2.21
CA ALA A 47 -7.42 -2.18 -2.13
C ALA A 47 -6.61 -2.74 -3.29
N CYS A 48 -6.68 -4.07 -3.54
CA CYS A 48 -5.93 -4.63 -4.66
C CYS A 48 -6.26 -3.91 -5.96
N ASN A 49 -7.55 -3.72 -6.29
CA ASN A 49 -7.86 -3.00 -7.54
C ASN A 49 -7.31 -1.59 -7.47
N CYS A 50 -7.49 -0.89 -6.32
CA CYS A 50 -6.96 0.47 -6.20
C CYS A 50 -5.51 0.47 -6.60
N LEU A 51 -4.73 -0.51 -6.07
CA LEU A 51 -3.32 -0.61 -6.43
C LEU A 51 -3.17 -0.88 -7.92
N LYS A 52 -3.84 -1.91 -8.46
CA LYS A 52 -3.67 -2.22 -9.89
C LYS A 52 -4.06 -1.03 -10.76
N GLY A 53 -4.88 -0.08 -10.26
CA GLY A 53 -5.11 1.16 -11.00
C GLY A 53 -4.01 2.17 -10.79
N ILE A 54 -3.60 2.44 -9.53
CA ILE A 54 -2.74 3.59 -9.24
C ILE A 54 -1.28 3.34 -9.55
N ALA A 55 -0.56 2.53 -8.73
CA ALA A 55 0.90 2.48 -8.87
C ALA A 55 1.29 1.79 -10.15
N ARG A 56 0.62 0.67 -10.49
CA ARG A 56 0.88 0.03 -11.78
C ARG A 56 0.79 1.09 -12.84
N GLY A 57 -0.25 1.96 -12.80
CA GLY A 57 -0.31 3.07 -13.75
C GLY A 57 0.94 3.91 -13.69
N ILE A 58 1.39 4.32 -12.47
CA ILE A 58 2.64 5.07 -12.35
C ILE A 58 3.75 4.05 -12.49
N HIS A 59 4.04 3.55 -13.71
CA HIS A 59 5.07 2.51 -13.84
C HIS A 59 6.41 2.96 -13.31
N ASN A 60 6.83 4.23 -13.55
CA ASN A 60 8.13 4.68 -13.06
C ASN A 60 8.13 4.70 -11.55
N LEU A 61 8.32 3.53 -10.89
CA LEU A 61 8.10 3.44 -9.45
C LEU A 61 8.82 2.25 -8.87
N ASN A 62 9.19 2.22 -7.56
CA ASN A 62 10.08 1.19 -7.02
C ASN A 62 9.40 0.38 -5.94
N GLU A 63 8.60 -0.65 -6.32
CA GLU A 63 7.94 -1.48 -5.33
C GLU A 63 8.91 -2.10 -4.34
N ASP A 64 10.10 -2.54 -4.78
CA ASP A 64 10.99 -3.26 -3.87
C ASP A 64 11.48 -2.31 -2.79
N ASN A 65 11.73 -1.02 -3.11
CA ASN A 65 12.03 -0.07 -2.04
C ASN A 65 10.89 -0.09 -1.04
N ALA A 66 9.63 0.08 -1.51
CA ALA A 66 8.50 0.09 -0.58
C ALA A 66 8.48 -1.11 0.33
N ARG A 67 8.97 -2.29 -0.13
CA ARG A 67 9.06 -3.46 0.77
C ARG A 67 9.54 -3.05 2.15
N SER A 68 10.54 -2.14 2.22
CA SER A 68 11.10 -1.72 3.51
C SER A 68 10.16 -0.96 4.40
N ILE A 69 9.04 -0.37 3.89
CA ILE A 69 8.20 0.47 4.75
C ILE A 69 7.72 -0.31 5.97
N PRO A 70 6.94 -1.41 5.93
CA PRO A 70 6.53 -2.06 7.17
C PRO A 70 7.66 -2.36 8.14
N PRO A 71 8.78 -3.06 7.84
CA PRO A 71 9.84 -3.24 8.83
C PRO A 71 10.67 -1.99 8.96
N LYS A 72 10.06 -0.91 9.51
CA LYS A 72 10.77 0.35 9.73
C LYS A 72 10.00 1.17 10.75
N CYS A 73 8.74 1.56 10.46
CA CYS A 73 7.93 2.23 11.48
C CYS A 73 7.54 1.24 12.56
N GLY A 74 7.26 -0.04 12.20
CA GLY A 74 6.95 -1.08 13.20
C GLY A 74 5.55 -1.61 13.00
N VAL A 75 5.28 -2.29 11.87
CA VAL A 75 3.90 -2.71 11.55
C VAL A 75 3.91 -3.66 10.37
N ASN A 76 2.85 -4.49 10.16
CA ASN A 76 2.83 -5.42 9.02
C ASN A 76 1.47 -5.42 8.33
N LEU A 77 1.40 -5.97 7.08
CA LEU A 77 0.14 -5.98 6.30
C LEU A 77 -0.26 -7.43 6.06
N PRO A 78 -1.53 -7.81 5.75
CA PRO A 78 -1.79 -9.20 5.42
C PRO A 78 -1.06 -9.58 4.14
N TYR A 79 -0.82 -8.65 3.19
CA TYR A 79 0.10 -8.93 2.08
C TYR A 79 0.85 -7.67 1.70
N THR A 80 2.01 -7.74 1.03
CA THR A 80 2.82 -6.55 0.83
C THR A 80 2.23 -5.69 -0.28
N ILE A 81 2.39 -6.07 -1.56
CA ILE A 81 1.95 -5.19 -2.66
C ILE A 81 1.82 -5.95 -3.96
N SER A 82 0.81 -5.67 -4.83
CA SER A 82 0.60 -6.48 -6.03
C SER A 82 1.27 -5.94 -7.27
N LEU A 83 2.55 -5.52 -7.16
CA LEU A 83 3.33 -5.15 -8.34
C LEU A 83 4.25 -6.31 -8.69
N ASN A 84 5.10 -6.77 -7.74
CA ASN A 84 5.90 -7.98 -7.97
C ASN A 84 5.50 -9.11 -7.03
N ILE A 85 4.27 -9.11 -6.44
CA ILE A 85 3.83 -10.24 -5.61
C ILE A 85 2.46 -10.68 -6.11
N ASP A 86 1.31 -10.29 -5.51
CA ASP A 86 0.03 -10.79 -6.01
C ASP A 86 -1.18 -10.01 -5.50
N CYS A 87 -2.33 -10.08 -6.21
CA CYS A 87 -3.55 -9.39 -5.77
C CYS A 87 -4.06 -9.86 -4.43
N SER A 88 -3.67 -11.03 -3.90
CA SER A 88 -4.14 -11.43 -2.57
C SER A 88 -5.64 -11.33 -2.49
N ARG A 89 -6.36 -12.03 -3.40
CA ARG A 89 -7.82 -11.98 -3.40
C ARG A 89 -8.34 -12.78 -2.24
N VAL A 90 -8.17 -12.32 -0.98
CA VAL A 90 -8.69 -13.09 0.15
C VAL A 90 -10.18 -12.90 0.15
N ILE A 1 2.81 -8.08 10.72
CA ILE A 1 1.96 -7.02 10.16
C ILE A 1 1.62 -6.01 11.25
N ASP A 2 0.36 -5.83 11.75
CA ASP A 2 0.11 -4.82 12.78
C ASP A 2 0.80 -3.51 12.47
N CYS A 3 0.63 -3.02 11.23
CA CYS A 3 1.32 -1.80 10.79
C CYS A 3 2.77 -1.79 11.20
N GLY A 4 3.52 -2.86 10.84
CA GLY A 4 4.96 -2.93 11.12
C GLY A 4 5.65 -3.56 9.93
N HIS A 5 5.40 -4.86 9.67
CA HIS A 5 5.95 -5.47 8.47
C HIS A 5 5.48 -4.69 7.26
N VAL A 6 4.18 -4.29 7.20
CA VAL A 6 3.72 -3.40 6.13
C VAL A 6 4.61 -2.18 6.08
N ASP A 7 4.76 -1.48 7.22
CA ASP A 7 5.50 -0.23 7.24
C ASP A 7 6.87 -0.42 6.62
N SER A 8 7.62 -1.46 7.06
CA SER A 8 8.94 -1.70 6.47
C SER A 8 8.85 -1.84 4.96
N LEU A 9 7.92 -2.69 4.45
CA LEU A 9 7.88 -2.94 3.01
C LEU A 9 7.54 -1.70 2.21
N VAL A 10 6.71 -0.76 2.71
CA VAL A 10 6.43 0.44 1.92
C VAL A 10 7.62 1.38 1.91
N ARG A 11 8.55 1.36 2.89
CA ARG A 11 9.66 2.32 2.88
C ARG A 11 10.27 2.51 1.50
N PRO A 12 10.83 1.50 0.77
CA PRO A 12 11.33 1.78 -0.58
C PRO A 12 10.24 2.23 -1.53
N CYS A 13 8.96 1.85 -1.31
CA CYS A 13 7.90 2.35 -2.18
C CYS A 13 7.71 3.83 -1.98
N LEU A 14 7.75 4.32 -0.72
CA LEU A 14 7.49 5.74 -0.44
C LEU A 14 8.21 6.65 -1.42
N SER A 15 9.50 6.41 -1.73
CA SER A 15 10.20 7.31 -2.66
C SER A 15 9.40 7.59 -3.91
N TYR A 16 8.93 6.53 -4.61
CA TYR A 16 8.15 6.74 -5.83
C TYR A 16 6.71 7.08 -5.47
N VAL A 17 6.11 6.29 -4.56
CA VAL A 17 4.70 6.47 -4.20
C VAL A 17 4.39 7.90 -3.82
N GLN A 18 5.22 8.51 -2.96
CA GLN A 18 4.98 9.92 -2.63
C GLN A 18 5.07 10.73 -3.90
N GLY A 19 6.16 10.55 -4.68
CA GLY A 19 6.30 11.28 -5.94
C GLY A 19 7.75 11.29 -6.36
N GLY A 20 8.23 10.28 -7.11
CA GLY A 20 9.66 10.21 -7.41
C GLY A 20 10.04 9.09 -8.34
N PRO A 21 11.35 8.83 -8.63
CA PRO A 21 11.71 7.77 -9.57
C PRO A 21 11.78 6.43 -8.90
N GLY A 22 12.12 5.36 -9.66
CA GLY A 22 12.19 4.02 -9.08
C GLY A 22 10.80 3.41 -9.06
N PRO A 23 10.27 2.78 -7.97
CA PRO A 23 10.97 2.66 -6.70
C PRO A 23 12.04 1.60 -6.80
N SER A 24 12.77 1.31 -5.70
CA SER A 24 13.75 0.21 -5.75
C SER A 24 13.05 -1.11 -5.98
N GLY A 25 13.73 -2.13 -6.56
CA GLY A 25 13.09 -3.43 -6.72
C GLY A 25 12.54 -3.96 -5.42
N GLN A 26 13.22 -3.66 -4.28
CA GLN A 26 12.70 -4.08 -2.97
C GLN A 26 11.24 -3.72 -2.86
N CYS A 27 10.80 -2.54 -3.33
CA CYS A 27 9.37 -2.24 -3.29
C CYS A 27 8.59 -3.22 -4.12
N CYS A 28 8.99 -3.50 -5.38
CA CYS A 28 8.18 -4.40 -6.20
C CYS A 28 8.06 -5.76 -5.53
N ASP A 29 9.17 -6.31 -4.97
CA ASP A 29 9.01 -7.52 -4.16
C ASP A 29 8.05 -7.21 -3.04
N GLY A 30 8.25 -6.07 -2.35
CA GLY A 30 7.31 -5.67 -1.31
C GLY A 30 5.90 -5.66 -1.82
N VAL A 31 5.60 -5.31 -3.08
CA VAL A 31 4.21 -5.38 -3.55
C VAL A 31 3.77 -6.83 -3.57
N LYS A 32 4.61 -7.77 -4.07
CA LYS A 32 4.23 -9.18 -3.98
C LYS A 32 3.85 -9.48 -2.54
N ASN A 33 4.76 -9.25 -1.57
CA ASN A 33 4.45 -9.61 -0.19
C ASN A 33 3.29 -8.79 0.37
N LEU A 34 3.35 -7.45 0.34
CA LEU A 34 2.26 -6.60 0.86
C LEU A 34 0.90 -7.21 0.57
N HIS A 35 0.55 -7.43 -0.72
CA HIS A 35 -0.77 -7.98 -1.01
C HIS A 35 -0.93 -9.39 -0.50
N ASN A 36 0.12 -10.24 -0.58
CA ASN A 36 -0.01 -11.58 -0.04
C ASN A 36 -0.37 -11.53 1.44
N GLN A 37 0.19 -10.58 2.21
CA GLN A 37 -0.11 -10.47 3.65
C GLN A 37 -1.30 -9.58 3.96
N ALA A 38 -2.33 -9.53 3.08
CA ALA A 38 -3.51 -8.69 3.36
C ALA A 38 -4.76 -9.31 2.78
N ARG A 39 -5.01 -10.59 3.15
CA ARG A 39 -6.16 -11.31 2.61
C ARG A 39 -7.18 -11.59 3.69
N SER A 40 -6.79 -12.14 4.88
CA SER A 40 -7.78 -12.39 5.91
C SER A 40 -8.36 -11.07 6.37
N GLN A 41 -9.61 -11.04 6.89
CA GLN A 41 -10.22 -9.77 7.28
C GLN A 41 -9.31 -9.08 8.27
N SER A 42 -8.94 -9.74 9.39
CA SER A 42 -8.03 -9.11 10.35
C SER A 42 -6.83 -8.49 9.64
N ASP A 43 -6.18 -9.23 8.71
CA ASP A 43 -5.02 -8.66 8.02
C ASP A 43 -5.41 -7.38 7.33
N ARG A 44 -6.54 -7.39 6.60
CA ARG A 44 -6.98 -6.19 5.88
C ARG A 44 -7.29 -5.08 6.86
N GLN A 45 -7.86 -5.37 8.05
CA GLN A 45 -8.06 -4.30 9.03
C GLN A 45 -6.70 -3.78 9.47
N SER A 46 -5.76 -4.67 9.88
CA SER A 46 -4.44 -4.20 10.29
C SER A 46 -3.87 -3.27 9.25
N ALA A 47 -3.88 -3.68 7.97
CA ALA A 47 -3.36 -2.80 6.92
C ALA A 47 -4.18 -1.54 6.85
N CYS A 48 -5.55 -1.62 6.81
CA CYS A 48 -6.34 -0.39 6.74
C CYS A 48 -5.91 0.61 7.77
N ASN A 49 -5.76 0.20 9.05
CA ASN A 49 -5.31 1.15 10.06
C ASN A 49 -3.97 1.71 9.63
N CYS A 50 -3.03 0.84 9.18
CA CYS A 50 -1.74 1.34 8.72
C CYS A 50 -1.92 2.33 7.58
N LEU A 51 -2.84 2.07 6.63
CA LEU A 51 -3.08 3.01 5.55
C LEU A 51 -3.47 4.33 6.15
N LYS A 52 -4.39 4.34 7.14
CA LYS A 52 -4.84 5.62 7.67
C LYS A 52 -3.65 6.36 8.25
N GLY A 53 -2.81 5.66 9.05
CA GLY A 53 -1.61 6.32 9.57
C GLY A 53 -0.70 6.81 8.47
N ILE A 54 -0.40 5.96 7.45
CA ILE A 54 0.57 6.36 6.42
C ILE A 54 -0.13 7.00 5.25
N ALA A 55 -0.98 6.27 4.50
CA ALA A 55 -1.56 6.82 3.27
C ALA A 55 -2.40 8.04 3.56
N ARG A 56 -3.50 7.91 4.35
CA ARG A 56 -4.41 9.04 4.49
C ARG A 56 -3.74 10.12 5.32
N GLY A 57 -3.03 9.74 6.40
CA GLY A 57 -2.27 10.73 7.17
C GLY A 57 -1.39 11.53 6.25
N ILE A 58 -0.62 10.87 5.34
CA ILE A 58 0.16 11.61 4.35
C ILE A 58 -0.85 12.04 3.29
N HIS A 59 -1.68 13.07 3.56
CA HIS A 59 -2.58 13.56 2.52
C HIS A 59 -1.77 14.37 1.53
N ASN A 60 -0.84 13.72 0.81
CA ASN A 60 0.13 14.42 -0.03
C ASN A 60 0.94 13.37 -0.77
N LEU A 61 0.25 12.59 -1.65
CA LEU A 61 0.84 11.38 -2.19
C LEU A 61 0.37 11.22 -3.62
N ASN A 62 1.24 10.80 -4.58
CA ASN A 62 0.81 10.76 -5.98
C ASN A 62 -0.08 9.56 -6.21
N GLU A 63 -1.35 9.62 -5.74
CA GLU A 63 -2.24 8.45 -5.78
C GLU A 63 -2.18 7.74 -7.12
N ASP A 64 -2.36 8.46 -8.25
CA ASP A 64 -2.39 7.78 -9.54
C ASP A 64 -1.07 7.11 -9.85
N ASN A 65 0.06 7.87 -9.89
CA ASN A 65 1.33 7.25 -10.25
C ASN A 65 1.59 6.12 -9.28
N ALA A 66 1.45 6.40 -7.97
CA ALA A 66 1.62 5.34 -6.98
C ALA A 66 0.82 4.11 -7.36
N ARG A 67 -0.49 4.29 -7.65
CA ARG A 67 -1.34 3.15 -8.02
C ARG A 67 -0.79 2.46 -9.26
N SER A 68 -0.13 3.18 -10.19
CA SER A 68 0.43 2.51 -11.38
C SER A 68 1.45 1.44 -11.05
N ILE A 69 2.18 1.46 -9.91
CA ILE A 69 3.21 0.44 -9.69
C ILE A 69 2.67 -0.97 -9.93
N PRO A 70 1.65 -1.51 -9.19
CA PRO A 70 1.22 -2.87 -9.43
C PRO A 70 0.92 -3.25 -10.88
N PRO A 71 0.02 -2.62 -11.68
CA PRO A 71 -0.16 -3.02 -13.07
C PRO A 71 0.95 -2.45 -13.92
N LYS A 72 2.21 -2.82 -13.62
CA LYS A 72 3.37 -2.25 -14.31
C LYS A 72 4.57 -3.08 -13.93
N CYS A 73 4.90 -3.19 -12.62
CA CYS A 73 5.91 -4.18 -12.22
C CYS A 73 5.36 -5.56 -12.48
N GLY A 74 4.08 -5.84 -12.09
CA GLY A 74 3.43 -7.10 -12.48
C GLY A 74 2.72 -7.77 -11.32
N VAL A 75 1.58 -7.22 -10.84
CA VAL A 75 0.85 -7.81 -9.71
C VAL A 75 -0.45 -7.04 -9.50
N ASN A 76 -1.52 -7.64 -8.90
CA ASN A 76 -2.82 -6.98 -8.84
C ASN A 76 -3.53 -7.16 -7.50
N LEU A 77 -3.05 -6.44 -6.46
CA LEU A 77 -3.74 -6.37 -5.16
C LEU A 77 -5.26 -6.51 -5.11
N PRO A 78 -5.92 -6.91 -3.98
CA PRO A 78 -7.38 -6.87 -3.94
C PRO A 78 -7.92 -5.48 -3.67
N TYR A 79 -7.21 -4.52 -3.03
CA TYR A 79 -7.69 -3.13 -2.95
C TYR A 79 -6.53 -2.15 -3.05
N THR A 80 -6.76 -0.86 -3.40
CA THR A 80 -5.64 0.04 -3.73
C THR A 80 -5.04 0.82 -2.59
N ILE A 81 -5.70 1.84 -2.00
CA ILE A 81 -5.02 2.78 -1.10
C ILE A 81 -6.01 3.70 -0.41
N SER A 82 -5.72 4.29 0.77
CA SER A 82 -6.68 5.21 1.42
C SER A 82 -6.43 6.68 1.09
N LEU A 83 -6.35 7.04 -0.22
CA LEU A 83 -6.37 8.46 -0.63
C LEU A 83 -7.69 8.61 -1.35
N ASN A 84 -8.56 9.59 -1.00
CA ASN A 84 -9.89 9.68 -1.62
C ASN A 84 -10.75 8.45 -1.35
N ILE A 85 -10.40 7.56 -0.39
CA ILE A 85 -11.23 6.41 -0.03
C ILE A 85 -10.85 6.02 1.40
N ASP A 86 -11.66 5.20 2.12
CA ASP A 86 -11.33 4.82 3.49
C ASP A 86 -11.14 3.32 3.58
N CYS A 87 -10.20 2.75 2.79
CA CYS A 87 -9.99 1.30 2.77
C CYS A 87 -11.19 0.55 2.20
N SER A 88 -11.07 -0.78 2.00
CA SER A 88 -12.23 -1.62 1.69
C SER A 88 -12.32 -2.69 2.77
N ARG A 89 -12.49 -2.27 4.04
CA ARG A 89 -12.60 -3.25 5.13
C ARG A 89 -13.85 -4.07 4.95
N VAL A 90 -13.85 -5.38 5.27
CA VAL A 90 -15.07 -6.18 5.22
C VAL A 90 -15.05 -7.22 6.32
N ILE A 1 -9.97 4.02 -1.77
CA ILE A 1 -10.78 5.12 -2.31
C ILE A 1 -9.93 6.03 -3.17
N ASP A 2 -10.52 6.83 -4.08
CA ASP A 2 -9.78 7.91 -4.73
C ASP A 2 -8.34 7.57 -5.07
N CYS A 3 -8.06 6.98 -6.26
CA CYS A 3 -6.68 6.64 -6.62
C CYS A 3 -5.86 7.92 -6.72
N GLY A 4 -5.45 8.48 -5.56
CA GLY A 4 -4.78 9.78 -5.54
C GLY A 4 -4.62 10.22 -4.10
N HIS A 5 -5.72 10.26 -3.33
CA HIS A 5 -5.59 10.42 -1.87
C HIS A 5 -4.83 9.23 -1.31
N VAL A 6 -5.21 7.99 -1.70
CA VAL A 6 -4.41 6.83 -1.32
C VAL A 6 -2.94 7.10 -1.63
N ASP A 7 -2.61 7.43 -2.91
CA ASP A 7 -1.21 7.70 -3.23
C ASP A 7 -0.68 8.76 -2.29
N SER A 8 -1.37 9.90 -2.10
CA SER A 8 -0.85 10.93 -1.20
C SER A 8 -0.33 10.34 0.09
N LEU A 9 -1.08 9.43 0.75
CA LEU A 9 -0.65 8.89 2.04
C LEU A 9 0.47 7.88 1.93
N VAL A 10 0.77 7.27 0.76
CA VAL A 10 1.92 6.36 0.70
C VAL A 10 3.21 7.15 0.64
N ARG A 11 3.24 8.41 0.16
CA ARG A 11 4.52 9.11 0.00
C ARG A 11 5.40 8.99 1.24
N PRO A 12 4.99 9.32 2.49
CA PRO A 12 5.87 9.08 3.63
C PRO A 12 6.31 7.63 3.74
N CYS A 13 5.51 6.64 3.29
CA CYS A 13 5.98 5.25 3.24
C CYS A 13 6.88 4.99 2.05
N LEU A 14 6.68 5.70 0.92
CA LEU A 14 7.36 5.36 -0.34
C LEU A 14 8.86 5.16 -0.16
N SER A 15 9.55 5.99 0.65
CA SER A 15 11.01 5.84 0.76
C SER A 15 11.38 4.43 1.19
N TYR A 16 10.78 3.90 2.27
CA TYR A 16 11.12 2.54 2.72
C TYR A 16 10.67 1.56 1.67
N VAL A 17 9.43 1.71 1.14
CA VAL A 17 8.95 0.82 0.07
C VAL A 17 9.99 0.72 -1.02
N GLN A 18 10.55 1.86 -1.49
CA GLN A 18 11.58 1.81 -2.53
C GLN A 18 12.76 1.02 -2.00
N GLY A 19 13.32 1.43 -0.84
CA GLY A 19 14.53 0.79 -0.33
C GLY A 19 15.27 1.77 0.56
N GLY A 20 14.95 1.82 1.87
CA GLY A 20 15.56 2.85 2.72
C GLY A 20 15.23 2.63 4.18
N PRO A 21 15.72 3.46 5.14
CA PRO A 21 15.40 3.23 6.54
C PRO A 21 14.04 3.80 6.90
N GLY A 22 13.58 3.61 8.15
CA GLY A 22 12.28 4.14 8.56
C GLY A 22 11.20 3.10 8.33
N PRO A 23 10.02 3.37 7.71
CA PRO A 23 9.72 4.68 7.15
C PRO A 23 9.48 5.73 8.20
N SER A 24 9.24 7.00 7.79
CA SER A 24 8.96 8.05 8.77
C SER A 24 7.78 7.71 9.64
N GLY A 25 7.67 8.30 10.86
CA GLY A 25 6.51 8.03 11.70
C GLY A 25 5.22 8.36 10.98
N GLN A 26 5.19 9.49 10.23
CA GLN A 26 3.98 9.83 9.47
C GLN A 26 3.46 8.62 8.73
N CYS A 27 4.34 7.81 8.10
CA CYS A 27 3.85 6.63 7.38
C CYS A 27 2.95 5.82 8.28
N CYS A 28 3.27 5.61 9.58
CA CYS A 28 2.34 4.85 10.43
C CYS A 28 0.98 5.52 10.49
N ASP A 29 0.89 6.86 10.56
CA ASP A 29 -0.44 7.47 10.45
C ASP A 29 -1.02 7.11 9.10
N GLY A 30 -0.20 7.12 8.01
CA GLY A 30 -0.70 6.61 6.73
C GLY A 30 -1.12 5.16 6.82
N VAL A 31 -0.39 4.29 7.56
CA VAL A 31 -0.70 2.86 7.58
C VAL A 31 -2.14 2.64 7.99
N LYS A 32 -2.54 3.11 9.19
CA LYS A 32 -3.92 2.89 9.66
C LYS A 32 -4.91 3.43 8.65
N ASN A 33 -4.67 4.63 8.07
CA ASN A 33 -5.65 5.21 7.14
C ASN A 33 -5.70 4.37 5.90
N LEU A 34 -4.54 4.07 5.29
CA LEU A 34 -4.50 3.27 4.06
C LEU A 34 -5.37 2.04 4.24
N HIS A 35 -5.04 1.16 5.23
CA HIS A 35 -5.85 -0.04 5.42
C HIS A 35 -7.31 0.31 5.64
N ASN A 36 -7.60 1.32 6.50
CA ASN A 36 -8.99 1.62 6.80
C ASN A 36 -9.76 2.04 5.57
N GLN A 37 -9.21 2.96 4.73
CA GLN A 37 -9.98 3.53 3.62
C GLN A 37 -10.04 2.67 2.38
N ALA A 38 -10.16 1.33 2.49
CA ALA A 38 -10.09 0.48 1.29
C ALA A 38 -10.72 -0.88 1.52
N ARG A 39 -12.03 -0.92 1.88
CA ARG A 39 -12.68 -2.20 2.21
C ARG A 39 -13.67 -2.67 1.17
N SER A 40 -14.61 -1.83 0.68
CA SER A 40 -15.66 -2.36 -0.21
C SER A 40 -15.11 -2.80 -1.56
N GLN A 41 -15.91 -3.51 -2.37
CA GLN A 41 -15.47 -3.96 -3.70
C GLN A 41 -15.61 -2.78 -4.65
N SER A 42 -14.78 -1.74 -4.42
CA SER A 42 -14.88 -0.46 -5.14
C SER A 42 -13.87 0.49 -4.53
N ASP A 43 -13.94 0.70 -3.18
CA ASP A 43 -12.87 1.41 -2.49
C ASP A 43 -11.58 0.70 -2.86
N ARG A 44 -11.59 -0.64 -2.71
CA ARG A 44 -10.45 -1.46 -3.10
C ARG A 44 -10.08 -1.26 -4.54
N GLN A 45 -11.04 -1.21 -5.51
CA GLN A 45 -10.64 -0.98 -6.89
C GLN A 45 -9.75 0.25 -6.94
N SER A 46 -10.23 1.42 -6.47
CA SER A 46 -9.41 2.62 -6.55
C SER A 46 -8.08 2.41 -5.88
N ALA A 47 -8.06 1.96 -4.62
CA ALA A 47 -6.79 1.84 -3.90
C ALA A 47 -5.85 0.90 -4.63
N CYS A 48 -6.33 -0.33 -4.95
CA CYS A 48 -5.44 -1.30 -5.59
C CYS A 48 -5.08 -0.94 -7.00
N ASN A 49 -5.93 -0.21 -7.76
CA ASN A 49 -5.48 0.24 -9.08
C ASN A 49 -4.34 1.21 -8.85
N CYS A 50 -4.45 2.14 -7.87
CA CYS A 50 -3.28 2.95 -7.52
C CYS A 50 -2.11 2.04 -7.22
N LEU A 51 -2.24 0.99 -6.37
CA LEU A 51 -1.09 0.12 -6.14
C LEU A 51 -0.51 -0.35 -7.45
N LYS A 52 -1.32 -1.01 -8.29
CA LYS A 52 -0.76 -1.58 -9.51
C LYS A 52 -0.07 -0.49 -10.31
N GLY A 53 -0.73 0.68 -10.50
CA GLY A 53 -0.11 1.75 -11.26
C GLY A 53 1.17 2.26 -10.62
N ILE A 54 1.18 2.49 -9.29
CA ILE A 54 2.35 3.08 -8.64
C ILE A 54 3.36 1.97 -8.39
N ALA A 55 3.16 1.05 -7.43
CA ALA A 55 4.25 0.17 -7.03
C ALA A 55 4.57 -0.87 -8.08
N ARG A 56 3.55 -1.60 -8.61
CA ARG A 56 3.85 -2.67 -9.55
C ARG A 56 4.37 -2.02 -10.83
N GLY A 57 3.75 -0.90 -11.27
CA GLY A 57 4.31 -0.18 -12.41
C GLY A 57 5.75 0.19 -12.18
N ILE A 58 6.10 0.75 -10.99
CA ILE A 58 7.51 1.03 -10.69
C ILE A 58 8.27 -0.28 -10.77
N HIS A 59 9.53 -0.31 -11.28
CA HIS A 59 10.26 -1.57 -11.45
C HIS A 59 11.66 -1.42 -10.89
N ASN A 60 11.74 -1.14 -9.58
CA ASN A 60 13.02 -0.87 -8.90
C ASN A 60 12.71 -0.62 -7.44
N LEU A 61 12.21 -1.66 -6.73
CA LEU A 61 11.51 -1.44 -5.48
C LEU A 61 11.67 -2.63 -4.56
N ASN A 62 11.96 -2.43 -3.25
CA ASN A 62 12.21 -3.57 -2.37
C ASN A 62 10.90 -4.20 -1.92
N GLU A 63 10.22 -4.94 -2.83
CA GLU A 63 8.92 -5.55 -2.49
C GLU A 63 8.92 -6.15 -1.10
N ASP A 64 9.94 -6.94 -0.73
CA ASP A 64 9.90 -7.59 0.58
C ASP A 64 9.78 -6.59 1.70
N ASN A 65 10.64 -5.54 1.78
CA ASN A 65 10.53 -4.61 2.90
C ASN A 65 9.18 -3.92 2.82
N ALA A 66 8.70 -3.54 1.61
CA ALA A 66 7.35 -2.98 1.51
C ALA A 66 6.35 -3.90 2.18
N ARG A 67 6.39 -5.20 1.84
CA ARG A 67 5.52 -6.20 2.47
C ARG A 67 5.77 -6.33 3.96
N SER A 68 6.94 -5.92 4.49
CA SER A 68 7.16 -5.89 5.94
C SER A 68 6.72 -4.60 6.59
N ILE A 69 6.27 -3.52 5.90
CA ILE A 69 5.82 -2.33 6.61
C ILE A 69 4.54 -2.61 7.41
N PRO A 70 3.46 -3.26 6.89
CA PRO A 70 2.25 -3.41 7.66
C PRO A 70 2.36 -3.83 9.12
N PRO A 71 3.07 -4.90 9.57
CA PRO A 71 3.15 -5.17 11.00
C PRO A 71 3.90 -4.09 11.76
N LYS A 72 4.73 -3.24 11.11
CA LYS A 72 5.43 -2.20 11.85
C LYS A 72 4.41 -1.34 12.56
N CYS A 73 3.18 -1.20 11.99
CA CYS A 73 2.10 -0.52 12.72
C CYS A 73 0.82 -1.33 12.63
N GLY A 74 0.92 -2.63 12.99
CA GLY A 74 -0.27 -3.43 13.34
C GLY A 74 -1.33 -3.66 12.29
N VAL A 75 -1.01 -3.87 10.98
CA VAL A 75 -2.04 -4.26 10.02
C VAL A 75 -1.45 -5.18 8.97
N ASN A 76 -2.26 -5.75 8.04
CA ASN A 76 -1.73 -6.63 6.99
C ASN A 76 -2.46 -6.40 5.68
N LEU A 77 -2.64 -5.12 5.29
CA LEU A 77 -3.50 -4.74 4.15
C LEU A 77 -4.92 -5.26 4.37
N PRO A 78 -6.01 -4.85 3.67
CA PRO A 78 -7.27 -5.56 3.85
C PRO A 78 -7.20 -6.95 3.23
N TYR A 79 -6.23 -7.25 2.33
CA TYR A 79 -6.07 -8.61 1.77
C TYR A 79 -4.62 -9.03 1.95
N THR A 80 -3.66 -8.50 1.16
CA THR A 80 -2.29 -9.02 1.18
C THR A 80 -1.29 -7.94 0.79
N ILE A 81 -1.15 -7.64 -0.53
CA ILE A 81 -0.23 -6.60 -1.03
C ILE A 81 -0.12 -6.78 -2.54
N SER A 82 -0.89 -6.03 -3.36
CA SER A 82 -1.05 -6.41 -4.77
C SER A 82 0.14 -6.22 -5.71
N LEU A 83 1.42 -6.33 -5.31
CA LEU A 83 2.49 -6.29 -6.31
C LEU A 83 2.49 -7.64 -6.99
N ASN A 84 2.67 -8.74 -6.22
CA ASN A 84 2.80 -10.07 -6.82
C ASN A 84 1.52 -10.87 -6.74
N ILE A 85 0.32 -10.24 -6.64
CA ILE A 85 -0.94 -11.01 -6.60
C ILE A 85 -1.88 -10.46 -7.65
N ASP A 86 -2.70 -9.43 -7.35
CA ASP A 86 -3.67 -8.91 -8.32
C ASP A 86 -4.40 -7.73 -7.70
N CYS A 87 -5.09 -6.84 -8.46
CA CYS A 87 -5.78 -5.73 -7.80
C CYS A 87 -6.59 -6.24 -6.62
N SER A 88 -7.13 -7.48 -6.64
CA SER A 88 -7.73 -8.07 -5.45
C SER A 88 -8.90 -7.27 -4.91
N ARG A 89 -10.12 -7.45 -5.48
CA ARG A 89 -11.28 -6.71 -5.00
C ARG A 89 -12.06 -7.51 -3.97
N VAL A 90 -12.30 -8.82 -4.22
CA VAL A 90 -13.12 -9.61 -3.30
C VAL A 90 -12.28 -10.05 -2.12
N ILE A 1 12.83 -4.73 -1.15
CA ILE A 1 12.06 -4.00 -2.17
C ILE A 1 12.12 -4.72 -3.50
N ASP A 2 11.17 -4.41 -4.42
CA ASP A 2 11.06 -5.04 -5.75
C ASP A 2 9.81 -5.90 -5.74
N CYS A 3 8.62 -5.28 -5.57
CA CYS A 3 7.38 -6.02 -5.42
C CYS A 3 7.58 -7.30 -4.62
N GLY A 4 8.32 -7.21 -3.50
CA GLY A 4 8.68 -8.38 -2.72
C GLY A 4 8.51 -8.10 -1.24
N HIS A 5 9.43 -7.32 -0.62
CA HIS A 5 9.27 -7.04 0.80
C HIS A 5 7.99 -6.27 1.05
N VAL A 6 7.78 -5.12 0.38
CA VAL A 6 6.48 -4.44 0.50
C VAL A 6 5.41 -5.46 0.20
N ASP A 7 5.49 -6.14 -0.97
CA ASP A 7 4.42 -7.04 -1.38
C ASP A 7 4.07 -8.04 -0.28
N SER A 8 5.06 -8.66 0.39
CA SER A 8 4.74 -9.55 1.51
C SER A 8 3.85 -8.88 2.53
N LEU A 9 4.08 -7.57 2.80
CA LEU A 9 3.28 -6.87 3.82
C LEU A 9 1.99 -6.30 3.28
N VAL A 10 1.68 -6.39 1.96
CA VAL A 10 0.35 -5.97 1.48
C VAL A 10 -0.62 -7.12 1.64
N ARG A 11 -0.20 -8.38 1.36
CA ARG A 11 -1.07 -9.53 1.59
C ARG A 11 -1.94 -9.42 2.85
N PRO A 12 -1.44 -9.24 4.10
CA PRO A 12 -2.36 -9.14 5.22
C PRO A 12 -3.33 -7.97 5.05
N CYS A 13 -2.94 -6.89 4.33
CA CYS A 13 -3.91 -5.84 4.03
C CYS A 13 -4.96 -6.34 3.06
N LEU A 14 -4.57 -7.11 2.01
CA LEU A 14 -5.54 -7.55 1.00
C LEU A 14 -6.81 -8.08 1.63
N SER A 15 -6.73 -8.97 2.65
CA SER A 15 -7.96 -9.51 3.24
C SER A 15 -9.01 -8.44 3.51
N TYR A 16 -8.63 -7.34 4.19
CA TYR A 16 -9.59 -6.28 4.50
C TYR A 16 -9.80 -5.39 3.29
N VAL A 17 -8.70 -4.98 2.62
CA VAL A 17 -8.80 -4.04 1.50
C VAL A 17 -9.74 -4.55 0.43
N GLN A 18 -9.61 -5.84 0.05
CA GLN A 18 -10.52 -6.40 -0.96
C GLN A 18 -11.95 -6.11 -0.54
N GLY A 19 -12.26 -6.34 0.76
CA GLY A 19 -13.59 -6.03 1.28
C GLY A 19 -13.91 -7.00 2.39
N GLY A 20 -13.32 -6.83 3.60
CA GLY A 20 -13.47 -7.86 4.62
C GLY A 20 -13.05 -7.40 6.00
N PRO A 21 -13.01 -8.29 7.03
CA PRO A 21 -12.65 -7.84 8.38
C PRO A 21 -11.15 -7.80 8.58
N GLY A 22 -10.69 -7.43 9.78
CA GLY A 22 -9.25 -7.32 10.03
C GLY A 22 -8.79 -5.92 9.65
N PRO A 23 -7.65 -5.65 8.98
CA PRO A 23 -6.72 -6.69 8.55
C PRO A 23 -5.94 -7.20 9.74
N SER A 24 -4.95 -8.11 9.53
CA SER A 24 -4.11 -8.51 10.65
C SER A 24 -3.26 -7.34 11.09
N GLY A 25 -2.84 -7.26 12.37
CA GLY A 25 -1.98 -6.15 12.80
C GLY A 25 -0.77 -6.01 11.91
N GLN A 26 -0.24 -7.13 11.38
CA GLN A 26 0.88 -7.06 10.45
C GLN A 26 0.64 -6.01 9.38
N CYS A 27 -0.59 -5.84 8.87
CA CYS A 27 -0.84 -4.79 7.89
C CYS A 27 -0.65 -3.42 8.52
N CYS A 28 -1.10 -3.16 9.76
CA CYS A 28 -0.88 -1.83 10.34
C CYS A 28 0.60 -1.59 10.47
N ASP A 29 1.37 -2.52 11.09
CA ASP A 29 2.82 -2.31 11.13
C ASP A 29 3.32 -2.25 9.70
N GLY A 30 2.68 -2.98 8.76
CA GLY A 30 2.96 -2.79 7.35
C GLY A 30 2.93 -1.32 7.03
N VAL A 31 1.85 -0.56 7.34
CA VAL A 31 1.83 0.87 7.02
C VAL A 31 3.14 1.48 7.50
N LYS A 32 3.51 1.22 8.77
CA LYS A 32 4.77 1.75 9.30
C LYS A 32 5.95 1.32 8.42
N ASN A 33 6.09 0.02 8.09
CA ASN A 33 7.25 -0.40 7.30
C ASN A 33 7.15 0.16 5.89
N LEU A 34 6.03 -0.10 5.19
CA LEU A 34 5.75 0.56 3.91
C LEU A 34 6.24 1.99 3.94
N HIS A 35 5.70 2.83 4.86
CA HIS A 35 6.16 4.22 4.94
C HIS A 35 7.66 4.28 5.15
N ASN A 36 8.19 3.49 6.11
CA ASN A 36 9.63 3.55 6.41
C ASN A 36 10.47 3.29 5.18
N GLN A 37 10.08 2.33 4.30
CA GLN A 37 10.88 1.99 3.12
C GLN A 37 10.19 2.38 1.83
N ALA A 38 9.48 3.53 1.81
CA ALA A 38 8.98 4.10 0.55
C ALA A 38 9.68 5.43 0.36
N ARG A 39 11.03 5.43 0.31
CA ARG A 39 11.80 6.67 0.37
C ARG A 39 12.60 6.92 -0.90
N SER A 40 13.48 6.00 -1.35
CA SER A 40 14.23 6.28 -2.58
C SER A 40 13.29 6.33 -3.76
N GLN A 41 13.64 7.02 -4.88
CA GLN A 41 12.76 6.99 -6.04
C GLN A 41 12.57 5.53 -6.44
N SER A 42 13.66 4.73 -6.41
CA SER A 42 13.52 3.30 -6.72
C SER A 42 12.40 2.68 -5.93
N ASP A 43 12.33 2.94 -4.60
CA ASP A 43 11.26 2.34 -3.79
C ASP A 43 9.93 2.75 -4.37
N ARG A 44 9.75 4.05 -4.69
CA ARG A 44 8.50 4.51 -5.27
C ARG A 44 8.23 3.77 -6.56
N GLN A 45 9.21 3.67 -7.48
CA GLN A 45 8.96 2.94 -8.72
C GLN A 45 8.59 1.51 -8.40
N SER A 46 9.43 0.78 -7.65
CA SER A 46 9.14 -0.60 -7.32
C SER A 46 7.75 -0.75 -6.76
N ALA A 47 7.39 0.02 -5.70
CA ALA A 47 6.06 -0.13 -5.11
C ALA A 47 4.99 0.27 -6.09
N CYS A 48 5.08 1.49 -6.67
CA CYS A 48 4.06 1.92 -7.63
C CYS A 48 3.83 0.82 -8.64
N ASN A 49 4.92 0.30 -9.24
CA ASN A 49 4.77 -0.70 -10.29
C ASN A 49 4.21 -1.98 -9.70
N CYS A 50 4.66 -2.38 -8.49
CA CYS A 50 4.05 -3.54 -7.83
C CYS A 50 2.55 -3.33 -7.80
N LEU A 51 2.06 -2.15 -7.39
CA LEU A 51 0.61 -1.95 -7.34
C LEU A 51 0.00 -1.97 -8.72
N LYS A 52 0.65 -1.34 -9.74
CA LYS A 52 0.07 -1.39 -11.07
C LYS A 52 -0.18 -2.86 -11.41
N GLY A 53 0.66 -3.80 -10.91
CA GLY A 53 0.31 -5.21 -10.98
C GLY A 53 -0.78 -5.57 -9.99
N ILE A 54 -0.59 -5.35 -8.67
CA ILE A 54 -1.56 -5.83 -7.67
C ILE A 54 -2.71 -4.85 -7.55
N ALA A 55 -2.69 -3.81 -6.68
CA ALA A 55 -3.90 -3.02 -6.43
C ALA A 55 -4.68 -2.69 -7.68
N ARG A 56 -4.01 -2.18 -8.74
CA ARG A 56 -4.75 -1.80 -9.93
C ARG A 56 -5.35 -3.03 -10.56
N GLY A 57 -4.60 -4.16 -10.59
CA GLY A 57 -5.18 -5.41 -11.09
C GLY A 57 -6.23 -6.00 -10.17
N ILE A 58 -6.22 -5.71 -8.84
CA ILE A 58 -7.27 -6.22 -7.96
C ILE A 58 -8.57 -5.59 -8.42
N HIS A 59 -9.29 -6.18 -9.41
CA HIS A 59 -10.59 -5.63 -9.83
C HIS A 59 -11.69 -5.91 -8.82
N ASN A 60 -11.47 -5.51 -7.54
CA ASN A 60 -12.38 -5.86 -6.44
C ASN A 60 -11.80 -5.23 -5.18
N LEU A 61 -11.70 -3.88 -5.16
CA LEU A 61 -10.91 -3.19 -4.13
C LEU A 61 -11.83 -2.23 -3.41
N ASN A 62 -12.21 -2.50 -2.14
CA ASN A 62 -13.09 -1.56 -1.42
C ASN A 62 -12.26 -0.35 -1.03
N GLU A 63 -11.93 0.55 -1.99
CA GLU A 63 -11.05 1.68 -1.69
C GLU A 63 -11.53 2.51 -0.52
N ASP A 64 -12.86 2.72 -0.37
CA ASP A 64 -13.32 3.56 0.74
C ASP A 64 -13.01 2.88 2.05
N ASN A 65 -13.43 1.61 2.23
CA ASN A 65 -13.09 0.90 3.46
C ASN A 65 -11.59 0.94 3.64
N ALA A 66 -10.83 0.58 2.59
CA ALA A 66 -9.36 0.55 2.70
C ALA A 66 -8.81 1.82 3.29
N ARG A 67 -9.27 3.02 2.83
CA ARG A 67 -8.76 4.27 3.42
C ARG A 67 -8.81 4.23 4.94
N SER A 68 -9.75 3.51 5.58
CA SER A 68 -9.78 3.49 7.04
C SER A 68 -8.54 2.88 7.68
N ILE A 69 -7.79 1.98 7.00
CA ILE A 69 -6.63 1.35 7.65
C ILE A 69 -5.62 2.37 8.19
N PRO A 70 -5.00 3.30 7.41
CA PRO A 70 -4.04 4.23 8.02
C PRO A 70 -4.54 4.99 9.24
N PRO A 71 -5.65 5.76 9.27
CA PRO A 71 -6.13 6.32 10.54
C PRO A 71 -6.70 5.15 11.32
N LYS A 72 -7.50 5.30 12.39
CA LYS A 72 -7.97 4.12 13.13
C LYS A 72 -6.76 3.46 13.77
N CYS A 73 -5.87 2.79 13.02
CA CYS A 73 -4.60 2.34 13.61
C CYS A 73 -3.77 3.56 13.97
N GLY A 74 -3.70 4.59 13.09
CA GLY A 74 -3.02 5.84 13.43
C GLY A 74 -1.66 5.97 12.79
N VAL A 75 -1.57 5.89 11.44
CA VAL A 75 -0.27 5.98 10.76
C VAL A 75 -0.51 6.12 9.26
N ASN A 76 0.42 6.66 8.43
CA ASN A 76 0.08 6.92 7.01
C ASN A 76 1.25 6.79 6.07
N LEU A 77 1.00 6.86 4.73
CA LEU A 77 2.09 6.76 3.74
C LEU A 77 2.49 8.15 3.26
N PRO A 78 3.62 8.39 2.55
CA PRO A 78 3.93 9.75 2.13
C PRO A 78 3.14 10.21 0.90
N TYR A 79 2.41 9.37 0.12
CA TYR A 79 1.62 9.88 -1.02
C TYR A 79 0.35 9.07 -1.28
N THR A 80 -0.57 9.58 -2.15
CA THR A 80 -1.90 8.96 -2.32
C THR A 80 -1.85 7.56 -2.88
N ILE A 81 -0.90 7.21 -3.77
CA ILE A 81 -0.74 5.81 -4.18
C ILE A 81 -1.90 5.27 -5.03
N SER A 82 -1.71 4.16 -5.78
CA SER A 82 -2.74 3.69 -6.73
C SER A 82 -3.96 3.04 -6.11
N LEU A 83 -4.78 3.76 -5.30
CA LEU A 83 -6.12 3.27 -4.96
C LEU A 83 -7.09 4.14 -5.75
N ASN A 84 -7.18 3.89 -7.08
CA ASN A 84 -8.04 4.67 -7.97
C ASN A 84 -7.41 5.97 -8.43
N ILE A 85 -6.06 6.09 -8.42
CA ILE A 85 -5.37 7.21 -9.06
C ILE A 85 -4.21 6.54 -9.79
N ASP A 86 -2.91 6.93 -9.67
CA ASP A 86 -1.84 5.98 -10.00
C ASP A 86 -0.70 6.20 -9.02
N CYS A 87 0.20 7.18 -9.22
CA CYS A 87 1.36 7.29 -8.32
C CYS A 87 1.97 8.67 -8.24
N SER A 88 2.45 9.27 -9.37
CA SER A 88 3.27 10.48 -9.26
C SER A 88 4.42 10.12 -8.34
N ARG A 89 5.38 9.32 -8.85
CA ARG A 89 6.40 8.73 -7.97
C ARG A 89 7.03 9.85 -7.15
N VAL A 90 7.58 10.88 -7.83
CA VAL A 90 8.24 11.97 -7.11
C VAL A 90 7.98 13.28 -7.82
N ILE A 1 -13.07 -3.69 -5.55
CA ILE A 1 -13.22 -2.40 -4.85
C ILE A 1 -12.99 -1.27 -5.83
N ASP A 2 -13.55 -0.06 -5.66
CA ASP A 2 -13.45 0.96 -6.71
C ASP A 2 -12.07 1.60 -6.88
N CYS A 3 -10.95 0.86 -6.82
CA CYS A 3 -9.63 1.46 -7.08
C CYS A 3 -9.52 2.80 -6.37
N GLY A 4 -10.01 2.92 -5.12
CA GLY A 4 -10.22 4.24 -4.53
C GLY A 4 -10.33 4.26 -3.03
N HIS A 5 -11.23 3.49 -2.38
CA HIS A 5 -11.25 3.52 -0.91
C HIS A 5 -9.87 3.14 -0.40
N VAL A 6 -9.25 2.08 -0.97
CA VAL A 6 -7.83 1.83 -0.71
C VAL A 6 -7.05 3.12 -0.83
N ASP A 7 -7.19 3.84 -1.96
CA ASP A 7 -6.42 5.05 -2.15
C ASP A 7 -6.61 5.99 -0.96
N SER A 8 -7.88 6.20 -0.53
CA SER A 8 -8.11 7.05 0.63
C SER A 8 -7.33 6.57 1.84
N LEU A 9 -7.31 5.25 2.12
CA LEU A 9 -6.63 4.78 3.33
C LEU A 9 -5.12 4.89 3.21
N VAL A 10 -4.49 4.90 2.01
CA VAL A 10 -3.03 5.09 1.96
C VAL A 10 -2.67 6.53 2.24
N ARG A 11 -3.46 7.56 1.84
CA ARG A 11 -3.07 8.95 2.11
C ARG A 11 -2.34 9.15 3.44
N PRO A 12 -2.88 8.85 4.64
CA PRO A 12 -2.11 9.07 5.86
C PRO A 12 -0.83 8.24 5.88
N CYS A 13 -0.78 7.08 5.19
CA CYS A 13 0.48 6.33 5.08
C CYS A 13 1.43 7.02 4.13
N LEU A 14 0.93 7.62 3.03
CA LEU A 14 1.84 8.19 2.03
C LEU A 14 2.87 9.11 2.64
N SER A 15 2.55 9.90 3.68
CA SER A 15 3.57 10.74 4.31
C SER A 15 4.84 9.94 4.55
N TYR A 16 4.70 8.74 5.17
CA TYR A 16 5.89 7.93 5.49
C TYR A 16 6.41 7.18 4.28
N VAL A 17 5.50 6.63 3.44
CA VAL A 17 5.96 5.90 2.24
C VAL A 17 6.81 6.85 1.43
N GLN A 18 6.32 8.10 1.22
CA GLN A 18 7.07 9.07 0.44
C GLN A 18 8.29 9.50 1.21
N GLY A 19 8.16 9.86 2.50
CA GLY A 19 9.32 10.27 3.29
C GLY A 19 8.87 11.09 4.48
N GLY A 20 8.74 10.48 5.69
CA GLY A 20 8.25 11.24 6.83
C GLY A 20 8.19 10.42 8.09
N PRO A 21 7.89 10.98 9.29
CA PRO A 21 7.84 10.18 10.50
C PRO A 21 6.50 9.50 10.65
N GLY A 22 6.34 8.64 11.68
CA GLY A 22 5.06 7.95 11.87
C GLY A 22 5.03 6.66 11.09
N PRO A 23 4.06 6.34 10.19
CA PRO A 23 2.98 7.25 9.83
C PRO A 23 1.99 7.37 10.96
N SER A 24 0.94 8.21 10.80
CA SER A 24 -0.02 8.40 11.89
C SER A 24 -0.68 7.12 12.34
N GLY A 25 -1.31 7.12 13.54
CA GLY A 25 -2.07 5.96 13.97
C GLY A 25 -3.15 5.67 12.96
N GLN A 26 -3.80 6.72 12.42
CA GLN A 26 -4.83 6.51 11.38
C GLN A 26 -4.27 5.60 10.30
N CYS A 27 -3.04 5.85 9.80
CA CYS A 27 -2.48 4.93 8.82
C CYS A 27 -2.38 3.55 9.42
N CYS A 28 -1.87 3.36 10.66
CA CYS A 28 -1.77 2.01 11.18
C CYS A 28 -3.13 1.33 11.26
N ASP A 29 -4.24 2.05 11.57
CA ASP A 29 -5.55 1.42 11.39
C ASP A 29 -5.72 1.11 9.92
N GLY A 30 -5.38 2.08 9.03
CA GLY A 30 -5.36 1.81 7.60
C GLY A 30 -4.52 0.59 7.25
N VAL A 31 -3.39 0.32 7.91
CA VAL A 31 -2.55 -0.83 7.54
C VAL A 31 -3.35 -2.10 7.72
N LYS A 32 -3.89 -2.36 8.93
CA LYS A 32 -4.66 -3.59 9.12
C LYS A 32 -5.83 -3.63 8.15
N ASN A 33 -6.55 -2.51 7.90
CA ASN A 33 -7.64 -2.55 6.92
C ASN A 33 -7.10 -2.85 5.53
N LEU A 34 -6.11 -2.06 5.05
CA LEU A 34 -5.57 -2.21 3.70
C LEU A 34 -5.35 -3.66 3.36
N HIS A 35 -4.50 -4.38 4.12
CA HIS A 35 -4.23 -5.78 3.76
C HIS A 35 -5.49 -6.65 3.82
N ASN A 36 -6.49 -6.31 4.67
CA ASN A 36 -7.72 -7.09 4.67
C ASN A 36 -8.42 -6.91 3.34
N GLN A 37 -8.52 -5.66 2.83
CA GLN A 37 -9.17 -5.39 1.55
C GLN A 37 -8.22 -5.56 0.38
N ALA A 38 -7.59 -6.75 0.25
CA ALA A 38 -6.66 -6.99 -0.86
C ALA A 38 -6.59 -8.43 -1.33
N ARG A 39 -7.64 -9.27 -1.09
CA ARG A 39 -7.57 -10.68 -1.45
C ARG A 39 -8.54 -10.98 -2.57
N SER A 40 -9.85 -10.67 -2.42
CA SER A 40 -10.81 -11.01 -3.46
C SER A 40 -10.33 -10.50 -4.81
N GLN A 41 -10.60 -11.23 -5.92
CA GLN A 41 -10.04 -10.83 -7.21
C GLN A 41 -10.30 -9.37 -7.50
N SER A 42 -11.54 -8.86 -7.35
CA SER A 42 -11.79 -7.45 -7.66
C SER A 42 -10.93 -6.57 -6.77
N ASP A 43 -10.96 -6.74 -5.44
CA ASP A 43 -10.11 -5.93 -4.56
C ASP A 43 -8.69 -5.97 -5.07
N ARG A 44 -8.11 -7.17 -5.25
CA ARG A 44 -6.71 -7.26 -5.64
C ARG A 44 -6.47 -6.64 -7.00
N GLN A 45 -7.23 -7.03 -8.04
CA GLN A 45 -7.02 -6.46 -9.37
C GLN A 45 -7.20 -4.95 -9.34
N SER A 46 -8.39 -4.48 -8.89
CA SER A 46 -8.69 -3.06 -8.98
C SER A 46 -7.72 -2.28 -8.13
N ALA A 47 -7.49 -2.73 -6.88
CA ALA A 47 -6.55 -2.00 -6.03
C ALA A 47 -5.18 -2.04 -6.65
N CYS A 48 -4.66 -3.23 -7.04
CA CYS A 48 -3.29 -3.28 -7.57
C CYS A 48 -3.15 -2.33 -8.73
N ASN A 49 -4.19 -2.17 -9.58
CA ASN A 49 -4.07 -1.21 -10.68
C ASN A 49 -3.81 0.19 -10.14
N CYS A 50 -4.62 0.68 -9.16
CA CYS A 50 -4.36 2.00 -8.60
C CYS A 50 -3.03 2.00 -7.87
N LEU A 51 -2.74 0.97 -7.06
CA LEU A 51 -1.48 0.88 -6.30
C LEU A 51 -0.32 1.48 -7.07
N LYS A 52 0.07 0.92 -8.25
CA LYS A 52 1.21 1.50 -8.96
C LYS A 52 0.88 2.92 -9.37
N GLY A 53 -0.32 3.17 -9.94
CA GLY A 53 -0.67 4.53 -10.34
C GLY A 53 -0.52 5.54 -9.22
N ILE A 54 -0.81 5.17 -7.95
CA ILE A 54 -0.71 6.12 -6.85
C ILE A 54 0.74 6.34 -6.49
N ALA A 55 1.46 5.23 -6.17
CA ALA A 55 2.74 5.35 -5.46
C ALA A 55 3.92 5.03 -6.34
N ARG A 56 4.01 3.84 -6.97
CA ARG A 56 5.18 3.56 -7.81
C ARG A 56 5.30 4.68 -8.83
N GLY A 57 4.21 4.93 -9.60
CA GLY A 57 4.25 6.02 -10.58
C GLY A 57 4.09 7.36 -9.90
N ILE A 58 5.16 7.92 -9.28
CA ILE A 58 5.03 9.22 -8.62
C ILE A 58 6.33 9.99 -8.73
N HIS A 59 6.34 11.35 -8.65
CA HIS A 59 7.58 12.10 -8.80
C HIS A 59 8.75 11.50 -8.04
N ASN A 60 8.65 11.30 -6.72
CA ASN A 60 9.74 10.66 -5.96
C ASN A 60 9.20 10.04 -4.69
N LEU A 61 9.91 9.02 -4.12
CA LEU A 61 9.35 8.26 -3.00
C LEU A 61 10.45 7.50 -2.29
N ASN A 62 10.27 7.06 -1.01
CA ASN A 62 11.32 6.36 -0.27
C ASN A 62 10.90 4.92 -0.01
N GLU A 63 11.18 3.99 -0.94
CA GLU A 63 10.73 2.60 -0.76
C GLU A 63 11.37 2.00 0.46
N ASP A 64 12.70 2.17 0.65
CA ASP A 64 13.36 1.46 1.76
C ASP A 64 12.78 1.93 3.08
N ASN A 65 12.41 3.22 3.23
CA ASN A 65 11.68 3.61 4.44
C ASN A 65 10.38 2.85 4.47
N ALA A 66 9.58 2.91 3.37
CA ALA A 66 8.29 2.20 3.36
C ALA A 66 8.43 0.78 3.86
N ARG A 67 9.53 0.08 3.48
CA ARG A 67 9.78 -1.28 3.97
C ARG A 67 9.41 -1.46 5.43
N SER A 68 9.71 -0.45 6.28
CA SER A 68 9.46 -0.60 7.72
C SER A 68 7.98 -0.59 8.07
N ILE A 69 7.08 0.02 7.26
CA ILE A 69 5.67 0.08 7.66
C ILE A 69 5.14 -1.28 8.09
N PRO A 70 5.13 -2.37 7.29
CA PRO A 70 4.50 -3.61 7.74
C PRO A 70 4.87 -4.04 9.16
N PRO A 71 6.13 -4.29 9.58
CA PRO A 71 6.36 -4.64 10.98
C PRO A 71 6.18 -3.45 11.89
N LYS A 72 6.33 -2.19 11.43
CA LYS A 72 6.19 -1.02 12.33
C LYS A 72 4.72 -0.73 12.52
N CYS A 73 4.03 -1.67 13.22
CA CYS A 73 2.57 -1.64 13.44
C CYS A 73 2.06 -3.07 13.33
N GLY A 74 2.57 -3.88 12.38
CA GLY A 74 2.37 -5.34 12.47
C GLY A 74 1.40 -5.93 11.48
N VAL A 75 1.75 -5.99 10.17
CA VAL A 75 0.95 -6.75 9.21
C VAL A 75 1.72 -6.90 7.91
N ASN A 76 1.36 -7.87 7.03
CA ASN A 76 2.00 -7.95 5.71
C ASN A 76 0.93 -8.08 4.65
N LEU A 77 1.26 -7.93 3.35
CA LEU A 77 0.24 -7.98 2.31
C LEU A 77 0.09 -9.37 1.74
N PRO A 78 -1.08 -9.80 1.19
CA PRO A 78 -1.13 -11.12 0.56
C PRO A 78 -0.24 -11.26 -0.65
N TYR A 79 0.30 -10.18 -1.27
CA TYR A 79 1.24 -10.35 -2.38
C TYR A 79 2.36 -9.32 -2.35
N THR A 80 3.39 -9.52 -1.50
CA THR A 80 4.61 -8.72 -1.62
C THR A 80 4.28 -7.24 -1.58
N ILE A 81 5.06 -6.32 -2.18
CA ILE A 81 4.70 -4.89 -2.16
C ILE A 81 5.08 -4.36 -3.53
N SER A 82 4.15 -3.82 -4.37
CA SER A 82 4.48 -3.59 -5.79
C SER A 82 5.19 -2.28 -6.08
N LEU A 83 5.97 -1.71 -5.14
CA LEU A 83 6.82 -0.57 -5.46
C LEU A 83 8.15 -1.19 -5.82
N ASN A 84 8.27 -1.68 -7.09
CA ASN A 84 9.46 -2.39 -7.57
C ASN A 84 9.05 -3.79 -7.99
N ILE A 85 8.28 -4.53 -7.15
CA ILE A 85 7.82 -5.86 -7.57
C ILE A 85 6.70 -5.66 -8.57
N ASP A 86 6.45 -6.59 -9.52
CA ASP A 86 5.36 -6.39 -10.48
C ASP A 86 4.02 -6.29 -9.78
N CYS A 87 2.93 -5.86 -10.47
CA CYS A 87 1.66 -5.70 -9.78
C CYS A 87 1.23 -7.03 -9.17
N SER A 88 1.54 -8.18 -9.81
CA SER A 88 1.24 -9.48 -9.17
C SER A 88 -0.21 -9.51 -8.75
N ARG A 89 -1.15 -9.60 -9.72
CA ARG A 89 -2.56 -9.42 -9.40
C ARG A 89 -3.29 -10.71 -9.07
N VAL A 90 -2.60 -11.87 -8.96
CA VAL A 90 -3.29 -13.14 -8.73
C VAL A 90 -2.43 -14.08 -7.93
N ILE A 1 0.98 -13.55 5.70
CA ILE A 1 0.10 -12.46 5.27
C ILE A 1 -1.14 -13.01 4.58
N ASP A 2 -2.30 -12.33 4.69
CA ASP A 2 -3.50 -12.80 4.00
C ASP A 2 -4.48 -11.65 3.83
N CYS A 3 -4.04 -10.52 3.23
CA CYS A 3 -4.93 -9.37 3.10
C CYS A 3 -5.59 -9.07 4.43
N GLY A 4 -4.79 -9.10 5.52
CA GLY A 4 -5.33 -8.93 6.87
C GLY A 4 -4.26 -8.35 7.76
N HIS A 5 -3.17 -9.11 8.04
CA HIS A 5 -2.02 -8.49 8.70
C HIS A 5 -1.59 -7.29 7.89
N VAL A 6 -1.52 -7.41 6.55
CA VAL A 6 -1.33 -6.23 5.70
C VAL A 6 -2.30 -5.15 6.10
N ASP A 7 -3.63 -5.43 6.07
CA ASP A 7 -4.60 -4.39 6.40
C ASP A 7 -4.27 -3.74 7.73
N SER A 8 -3.99 -4.54 8.79
CA SER A 8 -3.68 -3.94 10.09
C SER A 8 -2.66 -2.82 9.96
N LEU A 9 -1.60 -3.01 9.14
CA LEU A 9 -0.55 -1.99 9.04
C LEU A 9 -0.93 -0.83 8.14
N VAL A 10 -1.95 -0.92 7.24
CA VAL A 10 -2.36 0.25 6.47
C VAL A 10 -3.18 1.18 7.32
N ARG A 11 -4.00 0.67 8.26
CA ARG A 11 -4.87 1.55 9.05
C ARG A 11 -4.18 2.84 9.49
N PRO A 12 -3.02 2.88 10.19
CA PRO A 12 -2.41 4.18 10.49
C PRO A 12 -1.96 4.94 9.25
N CYS A 13 -1.64 4.25 8.13
CA CYS A 13 -1.30 4.97 6.90
C CYS A 13 -2.53 5.60 6.27
N LEU A 14 -3.76 5.05 6.48
CA LEU A 14 -4.90 5.55 5.72
C LEU A 14 -5.09 7.04 5.83
N SER A 15 -4.83 7.67 7.00
CA SER A 15 -4.92 9.13 7.08
C SER A 15 -4.20 9.79 5.92
N TYR A 16 -2.98 9.31 5.57
CA TYR A 16 -2.20 9.93 4.49
C TYR A 16 -2.67 9.44 3.14
N VAL A 17 -2.87 8.11 2.97
CA VAL A 17 -3.34 7.58 1.69
C VAL A 17 -4.59 8.35 1.29
N GLN A 18 -5.53 8.54 2.23
CA GLN A 18 -6.76 9.28 1.93
C GLN A 18 -6.45 10.76 1.85
N GLY A 19 -5.76 11.34 2.85
CA GLY A 19 -5.44 12.77 2.80
C GLY A 19 -4.93 13.26 4.14
N GLY A 20 -3.61 13.40 4.35
CA GLY A 20 -3.11 13.83 5.66
C GLY A 20 -1.60 13.91 5.72
N PRO A 21 -0.97 14.55 6.73
CA PRO A 21 0.48 14.66 6.75
C PRO A 21 1.13 13.44 7.38
N GLY A 22 2.48 13.35 7.35
CA GLY A 22 3.19 12.21 7.94
C GLY A 22 3.71 11.29 6.85
N PRO A 23 3.29 10.00 6.70
CA PRO A 23 2.30 9.39 7.57
C PRO A 23 2.89 9.07 8.92
N SER A 24 2.08 8.52 9.86
CA SER A 24 2.57 8.28 11.22
C SER A 24 3.83 7.45 11.29
N GLY A 25 4.50 7.41 12.47
CA GLY A 25 5.69 6.60 12.61
C GLY A 25 5.34 5.13 12.49
N GLN A 26 4.30 4.66 13.21
CA GLN A 26 3.89 3.27 13.08
C GLN A 26 3.60 2.98 11.62
N CYS A 27 2.89 3.89 10.91
CA CYS A 27 2.72 3.68 9.47
C CYS A 27 4.07 3.60 8.80
N CYS A 28 5.06 4.48 9.11
CA CYS A 28 6.36 4.37 8.44
C CYS A 28 6.93 2.98 8.65
N ASP A 29 6.90 2.43 9.89
CA ASP A 29 7.32 1.04 10.05
C ASP A 29 6.45 0.18 9.16
N GLY A 30 5.13 0.43 9.11
CA GLY A 30 4.29 -0.26 8.14
C GLY A 30 4.83 -0.12 6.74
N VAL A 31 5.25 1.09 6.28
CA VAL A 31 5.77 1.23 4.92
C VAL A 31 6.91 0.24 4.74
N LYS A 32 7.87 0.22 5.70
CA LYS A 32 8.95 -0.76 5.63
C LYS A 32 8.37 -2.14 5.49
N ASN A 33 7.53 -2.60 6.45
CA ASN A 33 7.04 -3.98 6.40
C ASN A 33 6.14 -4.17 5.20
N LEU A 34 5.02 -3.43 5.09
CA LEU A 34 4.08 -3.57 3.97
C LEU A 34 4.78 -3.93 2.68
N HIS A 35 5.78 -3.15 2.21
CA HIS A 35 6.43 -3.50 0.95
C HIS A 35 7.20 -4.81 1.08
N ASN A 36 7.89 -5.02 2.23
CA ASN A 36 8.73 -6.21 2.39
C ASN A 36 7.87 -7.45 2.43
N GLN A 37 6.75 -7.43 3.19
CA GLN A 37 5.83 -8.56 3.24
C GLN A 37 4.86 -8.57 2.07
N ALA A 38 5.21 -7.97 0.91
CA ALA A 38 4.37 -8.04 -0.28
C ALA A 38 5.29 -8.19 -1.47
N ARG A 39 6.16 -9.22 -1.45
CA ARG A 39 7.16 -9.41 -2.51
C ARG A 39 6.99 -10.71 -3.28
N SER A 40 6.88 -11.89 -2.64
CA SER A 40 6.69 -13.11 -3.43
C SER A 40 5.36 -13.05 -4.15
N GLN A 41 5.17 -13.82 -5.24
CA GLN A 41 3.92 -13.67 -5.99
C GLN A 41 2.71 -13.83 -5.10
N SER A 42 2.67 -14.86 -4.22
CA SER A 42 1.49 -15.04 -3.37
C SER A 42 1.33 -13.84 -2.46
N ASP A 43 2.43 -13.40 -1.82
CA ASP A 43 2.35 -12.22 -0.96
C ASP A 43 1.71 -11.08 -1.73
N ARG A 44 2.19 -10.86 -2.98
CA ARG A 44 1.65 -9.78 -3.80
C ARG A 44 0.21 -10.05 -4.16
N GLN A 45 -0.20 -11.32 -4.44
CA GLN A 45 -1.62 -11.57 -4.68
C GLN A 45 -2.43 -11.06 -3.50
N SER A 46 -2.15 -11.56 -2.28
CA SER A 46 -3.01 -11.19 -1.15
C SER A 46 -2.90 -9.70 -0.90
N ALA A 47 -1.67 -9.17 -0.74
CA ALA A 47 -1.53 -7.74 -0.49
C ALA A 47 -2.28 -6.95 -1.56
N CYS A 48 -2.13 -7.32 -2.85
CA CYS A 48 -2.84 -6.59 -3.91
C CYS A 48 -4.34 -6.68 -3.78
N ASN A 49 -4.91 -7.86 -3.48
CA ASN A 49 -6.36 -7.92 -3.29
C ASN A 49 -6.76 -6.90 -2.25
N CYS A 50 -6.07 -6.84 -1.09
CA CYS A 50 -6.36 -5.76 -0.14
C CYS A 50 -6.13 -4.42 -0.79
N LEU A 51 -5.02 -4.20 -1.52
CA LEU A 51 -4.77 -2.87 -2.10
C LEU A 51 -6.00 -2.45 -2.89
N LYS A 52 -6.44 -3.26 -3.89
CA LYS A 52 -7.62 -2.86 -4.65
C LYS A 52 -8.81 -2.72 -3.72
N GLY A 53 -9.11 -3.76 -2.90
CA GLY A 53 -10.33 -3.74 -2.12
C GLY A 53 -10.45 -2.53 -1.22
N ILE A 54 -9.40 -2.24 -0.41
CA ILE A 54 -9.48 -1.12 0.51
C ILE A 54 -9.39 0.17 -0.28
N ALA A 55 -8.39 0.33 -1.18
CA ALA A 55 -8.18 1.63 -1.82
C ALA A 55 -9.08 1.87 -3.00
N ARG A 56 -9.04 1.05 -4.07
CA ARG A 56 -9.89 1.33 -5.23
C ARG A 56 -11.34 1.15 -4.83
N GLY A 57 -11.67 0.14 -3.99
CA GLY A 57 -13.04 0.02 -3.50
C GLY A 57 -13.33 1.04 -2.42
N ILE A 58 -13.42 2.34 -2.76
CA ILE A 58 -13.68 3.37 -1.73
C ILE A 58 -14.31 4.60 -2.35
N HIS A 59 -14.94 5.52 -1.58
CA HIS A 59 -15.54 6.69 -2.21
C HIS A 59 -14.48 7.63 -2.76
N ASN A 60 -13.62 8.23 -1.91
CA ASN A 60 -12.65 9.24 -2.38
C ASN A 60 -11.29 8.98 -1.76
N LEU A 61 -10.17 9.28 -2.45
CA LEU A 61 -8.84 8.95 -1.92
C LEU A 61 -7.76 9.70 -2.68
N ASN A 62 -6.79 10.37 -2.02
CA ASN A 62 -5.78 11.15 -2.76
C ASN A 62 -4.69 10.22 -3.27
N GLU A 63 -4.95 9.49 -4.37
CA GLU A 63 -3.96 8.52 -4.85
C GLU A 63 -2.59 9.12 -5.04
N ASP A 64 -2.43 10.37 -5.52
CA ASP A 64 -1.08 10.87 -5.72
C ASP A 64 -0.39 11.03 -4.38
N ASN A 65 -1.09 11.53 -3.35
CA ASN A 65 -0.47 11.55 -2.01
C ASN A 65 -0.11 10.12 -1.65
N ALA A 66 -1.05 9.16 -1.84
CA ALA A 66 -0.70 7.76 -1.56
C ALA A 66 0.56 7.37 -2.31
N ARG A 67 0.68 7.76 -3.60
CA ARG A 67 1.87 7.44 -4.38
C ARG A 67 3.10 8.09 -3.78
N SER A 68 2.99 9.31 -3.20
CA SER A 68 4.14 9.91 -2.52
C SER A 68 4.60 9.12 -1.31
N ILE A 69 3.72 8.35 -0.63
CA ILE A 69 4.15 7.64 0.59
C ILE A 69 5.46 6.87 0.38
N PRO A 70 5.61 5.89 -0.55
CA PRO A 70 6.89 5.21 -0.67
C PRO A 70 8.08 6.15 -0.76
N PRO A 71 8.26 7.08 -1.73
CA PRO A 71 9.40 8.00 -1.67
C PRO A 71 9.11 9.14 -0.71
N LYS A 72 8.97 8.84 0.60
CA LYS A 72 8.70 9.89 1.59
C LYS A 72 9.01 9.42 2.99
N CYS A 73 8.50 8.24 3.44
CA CYS A 73 8.88 7.73 4.75
C CYS A 73 9.27 6.26 4.69
N GLY A 74 10.01 5.81 3.66
CA GLY A 74 10.50 4.43 3.67
C GLY A 74 11.07 3.93 2.35
N VAL A 75 10.27 3.24 1.51
CA VAL A 75 10.83 2.39 0.45
C VAL A 75 9.77 2.09 -0.60
N ASN A 76 10.15 1.54 -1.79
CA ASN A 76 9.19 1.40 -2.90
C ASN A 76 8.48 0.05 -2.95
N LEU A 77 7.39 -0.04 -3.75
CA LEU A 77 6.70 -1.32 -3.99
C LEU A 77 7.41 -2.00 -5.14
N PRO A 78 7.33 -3.33 -5.39
CA PRO A 78 7.92 -3.87 -6.61
C PRO A 78 7.07 -3.57 -7.85
N TYR A 79 6.73 -2.27 -8.09
CA TYR A 79 5.90 -1.81 -9.22
C TYR A 79 5.41 -0.40 -8.85
N THR A 80 4.62 0.35 -9.66
CA THR A 80 4.18 1.68 -9.22
C THR A 80 3.16 1.54 -8.09
N ILE A 81 1.84 1.51 -8.37
CA ILE A 81 0.85 1.37 -7.30
C ILE A 81 -0.51 1.08 -7.89
N SER A 82 -1.36 0.22 -7.28
CA SER A 82 -2.64 -0.14 -7.90
C SER A 82 -3.77 0.81 -7.56
N LEU A 83 -3.67 2.11 -7.95
CA LEU A 83 -4.80 3.04 -7.80
C LEU A 83 -5.28 3.42 -9.19
N ASN A 84 -4.51 4.24 -9.95
CA ASN A 84 -4.89 4.54 -11.33
C ASN A 84 -4.69 3.35 -12.25
N ILE A 85 -4.13 2.22 -11.79
CA ILE A 85 -3.86 1.08 -12.67
C ILE A 85 -4.02 -0.17 -11.83
N ASP A 86 -3.74 -1.39 -12.36
CA ASP A 86 -3.86 -2.60 -11.56
C ASP A 86 -2.52 -3.02 -10.96
N CYS A 87 -2.56 -3.89 -9.92
CA CYS A 87 -1.33 -4.50 -9.41
C CYS A 87 -0.68 -5.30 -10.52
N SER A 88 0.67 -5.42 -10.54
CA SER A 88 1.32 -6.16 -11.63
C SER A 88 0.79 -7.57 -11.71
N ARG A 89 0.58 -8.24 -10.55
CA ARG A 89 0.04 -9.59 -10.54
C ARG A 89 1.02 -10.53 -11.21
N VAL A 90 2.29 -10.50 -10.75
CA VAL A 90 3.29 -11.44 -11.26
C VAL A 90 2.92 -12.84 -10.81
N ILE A 1 -7.47 5.69 -4.81
CA ILE A 1 -8.78 6.32 -5.02
C ILE A 1 -9.15 7.15 -3.81
N ASP A 2 -10.04 8.16 -3.98
CA ASP A 2 -10.47 8.96 -2.82
C ASP A 2 -9.29 9.32 -1.96
N CYS A 3 -8.21 9.87 -2.59
CA CYS A 3 -6.93 10.14 -1.94
C CYS A 3 -7.00 10.06 -0.43
N GLY A 4 -6.96 8.85 0.16
CA GLY A 4 -7.12 8.72 1.61
C GLY A 4 -7.78 7.41 1.98
N HIS A 5 -8.85 7.00 1.26
CA HIS A 5 -9.44 5.68 1.54
C HIS A 5 -8.34 4.64 1.50
N VAL A 6 -7.50 4.65 0.44
CA VAL A 6 -6.32 3.78 0.42
C VAL A 6 -5.59 3.88 1.74
N ASP A 7 -5.18 5.09 2.15
CA ASP A 7 -4.40 5.21 3.38
C ASP A 7 -5.12 4.55 4.54
N SER A 8 -6.42 4.87 4.76
CA SER A 8 -7.13 4.27 5.88
C SER A 8 -6.91 2.77 5.95
N LEU A 9 -6.95 2.06 4.79
CA LEU A 9 -6.83 0.60 4.83
C LEU A 9 -5.39 0.13 5.02
N VAL A 10 -4.35 0.94 4.73
CA VAL A 10 -2.99 0.46 5.02
C VAL A 10 -2.72 0.53 6.51
N ARG A 11 -3.25 1.53 7.24
CA ARG A 11 -2.92 1.66 8.67
C ARG A 11 -2.84 0.33 9.41
N PRO A 12 -3.85 -0.57 9.47
CA PRO A 12 -3.66 -1.82 10.19
C PRO A 12 -2.52 -2.64 9.63
N CYS A 13 -2.20 -2.54 8.33
CA CYS A 13 -1.01 -3.24 7.82
C CYS A 13 0.21 -2.64 8.48
N LEU A 14 0.35 -1.29 8.45
CA LEU A 14 1.54 -0.65 9.00
C LEU A 14 1.79 -1.13 10.41
N SER A 15 0.75 -1.32 11.25
CA SER A 15 1.00 -1.87 12.59
C SER A 15 1.95 -3.05 12.51
N TYR A 16 1.70 -4.00 11.58
CA TYR A 16 2.61 -5.13 11.41
C TYR A 16 3.84 -4.73 10.63
N VAL A 17 3.68 -4.06 9.46
CA VAL A 17 4.83 -3.87 8.57
C VAL A 17 5.88 -2.99 9.21
N GLN A 18 5.48 -1.90 9.89
CA GLN A 18 6.47 -1.10 10.59
C GLN A 18 7.17 -1.96 11.61
N GLY A 19 6.42 -2.80 12.36
CA GLY A 19 7.07 -3.75 13.27
C GLY A 19 6.11 -4.17 14.35
N GLY A 20 5.26 -5.20 14.13
CA GLY A 20 4.29 -5.57 15.16
C GLY A 20 3.57 -6.86 14.86
N PRO A 21 2.63 -7.32 15.72
CA PRO A 21 1.93 -8.58 15.46
C PRO A 21 0.76 -8.36 14.52
N GLY A 22 -0.04 -9.42 14.26
CA GLY A 22 -1.20 -9.26 13.38
C GLY A 22 -0.75 -9.34 11.93
N PRO A 23 -1.11 -8.43 10.99
CA PRO A 23 -1.93 -7.26 11.28
C PRO A 23 -3.37 -7.63 11.50
N SER A 24 -4.25 -6.63 11.76
CA SER A 24 -5.67 -6.95 11.92
C SER A 24 -6.25 -7.47 10.61
N GLY A 25 -7.35 -8.26 10.64
CA GLY A 25 -7.94 -8.73 9.39
C GLY A 25 -8.23 -7.59 8.44
N GLN A 26 -8.62 -6.40 8.96
CA GLN A 26 -8.87 -5.26 8.07
C GLN A 26 -7.72 -5.08 7.10
N CYS A 27 -6.44 -5.28 7.52
CA CYS A 27 -5.36 -5.17 6.54
C CYS A 27 -5.55 -6.13 5.40
N CYS A 28 -5.94 -7.41 5.63
CA CYS A 28 -6.13 -8.32 4.51
C CYS A 28 -7.31 -7.86 3.67
N ASP A 29 -8.42 -7.39 4.28
CA ASP A 29 -9.47 -6.78 3.47
C ASP A 29 -8.84 -5.66 2.67
N GLY A 30 -7.94 -4.86 3.29
CA GLY A 30 -7.19 -3.88 2.53
C GLY A 30 -6.51 -4.56 1.38
N VAL A 31 -5.64 -5.57 1.59
CA VAL A 31 -4.97 -6.20 0.46
C VAL A 31 -5.98 -6.48 -0.64
N LYS A 32 -7.17 -7.01 -0.30
CA LYS A 32 -8.20 -7.22 -1.33
C LYS A 32 -8.57 -5.90 -1.97
N ASN A 33 -9.04 -4.89 -1.22
CA ASN A 33 -9.50 -3.64 -1.84
C ASN A 33 -8.32 -2.88 -2.40
N LEU A 34 -7.27 -2.62 -1.60
CA LEU A 34 -6.04 -2.00 -2.08
C LEU A 34 -5.73 -2.52 -3.47
N HIS A 35 -5.18 -3.74 -3.68
CA HIS A 35 -4.78 -4.13 -5.03
C HIS A 35 -5.91 -3.97 -6.04
N ASN A 36 -7.19 -4.14 -5.63
CA ASN A 36 -8.28 -3.99 -6.59
C ASN A 36 -8.33 -2.54 -7.04
N GLN A 37 -8.28 -1.58 -6.10
CA GLN A 37 -8.31 -0.16 -6.45
C GLN A 37 -6.90 0.30 -6.76
N ALA A 38 -6.29 -0.33 -7.80
CA ALA A 38 -4.88 -0.08 -8.16
C ALA A 38 -4.67 -0.21 -9.65
N ARG A 39 -5.56 0.35 -10.48
CA ARG A 39 -5.50 0.06 -11.91
C ARG A 39 -5.78 1.28 -12.77
N SER A 40 -6.93 1.97 -12.63
CA SER A 40 -7.21 3.10 -13.53
C SER A 40 -6.27 4.27 -13.29
N GLN A 41 -6.00 5.11 -14.32
CA GLN A 41 -5.16 6.29 -14.13
C GLN A 41 -5.57 7.05 -12.88
N SER A 42 -6.89 7.21 -12.63
CA SER A 42 -7.30 7.93 -11.43
C SER A 42 -6.74 7.24 -10.21
N ASP A 43 -6.89 5.90 -10.11
CA ASP A 43 -6.37 5.19 -8.95
C ASP A 43 -4.91 5.55 -8.76
N ARG A 44 -4.12 5.51 -9.86
CA ARG A 44 -2.70 5.79 -9.72
C ARG A 44 -2.49 7.21 -9.25
N GLN A 45 -3.10 8.24 -9.89
CA GLN A 45 -2.89 9.60 -9.44
C GLN A 45 -3.42 9.75 -8.02
N SER A 46 -4.73 9.48 -7.80
CA SER A 46 -5.30 9.64 -6.46
C SER A 46 -4.44 9.00 -5.40
N ALA A 47 -4.05 7.72 -5.59
CA ALA A 47 -3.22 7.08 -4.59
C ALA A 47 -1.87 7.74 -4.55
N CYS A 48 -1.14 7.84 -5.69
CA CYS A 48 0.19 8.44 -5.67
C CYS A 48 0.25 9.67 -4.79
N ASN A 49 -0.74 10.59 -4.91
CA ASN A 49 -0.67 11.80 -4.10
C ASN A 49 -0.74 11.49 -2.61
N CYS A 50 -1.76 10.73 -2.13
CA CYS A 50 -1.83 10.46 -0.70
C CYS A 50 -0.73 9.49 -0.32
N LEU A 51 -0.57 8.37 -1.06
CA LEU A 51 0.57 7.49 -0.80
C LEU A 51 1.83 8.30 -0.61
N LYS A 52 2.21 9.20 -1.53
CA LYS A 52 3.48 9.91 -1.36
C LYS A 52 3.48 10.61 -0.01
N GLY A 53 2.36 11.22 0.41
CA GLY A 53 2.33 11.75 1.78
C GLY A 53 2.76 10.73 2.79
N ILE A 54 2.20 9.49 2.73
CA ILE A 54 2.55 8.47 3.73
C ILE A 54 3.90 7.86 3.38
N ALA A 55 4.04 7.22 2.20
CA ALA A 55 5.32 6.59 1.84
C ALA A 55 6.48 7.53 2.11
N ARG A 56 6.43 8.79 1.63
CA ARG A 56 7.52 9.72 1.96
C ARG A 56 7.55 9.93 3.45
N GLY A 57 6.38 10.16 4.09
CA GLY A 57 6.36 10.35 5.55
C GLY A 57 6.90 9.18 6.35
N ILE A 58 7.04 7.96 5.78
CA ILE A 58 7.57 6.83 6.56
C ILE A 58 8.82 7.24 7.32
N HIS A 59 8.90 7.01 8.66
CA HIS A 59 10.17 7.15 9.34
C HIS A 59 10.98 5.90 9.03
N ASN A 60 10.41 4.69 9.27
CA ASN A 60 11.07 3.45 8.89
C ASN A 60 10.04 2.37 8.66
N LEU A 61 10.26 1.39 7.75
CA LEU A 61 9.22 0.38 7.50
C LEU A 61 9.84 -0.89 6.95
N ASN A 62 9.37 -2.09 7.34
CA ASN A 62 10.04 -3.35 6.97
C ASN A 62 9.19 -4.12 5.98
N GLU A 63 9.16 -3.72 4.69
CA GLU A 63 8.35 -4.45 3.73
C GLU A 63 8.91 -5.84 3.55
N ASP A 64 10.24 -6.04 3.56
CA ASP A 64 10.77 -7.40 3.45
C ASP A 64 10.07 -8.35 4.40
N ASN A 65 9.76 -7.93 5.64
CA ASN A 65 8.94 -8.79 6.51
C ASN A 65 7.59 -9.02 5.86
N ALA A 66 6.85 -7.95 5.51
CA ALA A 66 5.54 -8.14 4.88
C ALA A 66 5.59 -8.68 3.47
N ARG A 67 6.75 -8.82 2.81
CA ARG A 67 6.80 -9.39 1.46
C ARG A 67 5.81 -10.51 1.25
N SER A 68 5.65 -11.41 2.25
CA SER A 68 4.68 -12.51 2.11
C SER A 68 3.24 -12.07 2.28
N ILE A 69 2.94 -11.02 3.07
CA ILE A 69 1.54 -10.68 3.36
C ILE A 69 0.67 -10.59 2.13
N PRO A 70 0.88 -9.75 1.07
CA PRO A 70 -0.17 -9.62 0.06
C PRO A 70 -0.52 -10.96 -0.56
N PRO A 71 0.36 -11.82 -1.13
CA PRO A 71 -0.09 -13.16 -1.50
C PRO A 71 -0.66 -13.92 -0.32
N LYS A 72 0.02 -13.90 0.85
CA LYS A 72 -0.44 -14.70 1.99
C LYS A 72 -1.68 -14.07 2.58
N CYS A 73 -2.87 -14.36 1.98
CA CYS A 73 -4.16 -13.84 2.43
C CYS A 73 -4.87 -13.13 1.29
N GLY A 74 -4.18 -12.68 0.22
CA GLY A 74 -4.90 -12.09 -0.91
C GLY A 74 -4.18 -12.27 -2.23
N VAL A 75 -3.25 -11.35 -2.61
CA VAL A 75 -2.69 -11.36 -3.95
C VAL A 75 -1.51 -10.43 -4.05
N ASN A 76 -0.59 -10.61 -5.03
CA ASN A 76 0.50 -9.64 -5.20
C ASN A 76 -0.04 -8.30 -5.67
N LEU A 77 0.80 -7.24 -5.74
CA LEU A 77 0.34 -5.94 -6.24
C LEU A 77 0.67 -5.83 -7.71
N PRO A 78 -0.05 -5.04 -8.57
CA PRO A 78 0.32 -4.98 -9.98
C PRO A 78 1.43 -3.98 -10.23
N TYR A 79 2.50 -3.94 -9.40
CA TYR A 79 3.61 -2.99 -9.58
C TYR A 79 4.40 -2.79 -8.29
N THR A 80 5.65 -2.28 -8.38
CA THR A 80 6.42 -1.94 -7.17
C THR A 80 5.84 -0.69 -6.55
N ILE A 81 5.50 0.33 -7.37
CA ILE A 81 4.72 1.48 -6.89
C ILE A 81 5.34 2.11 -5.65
N SER A 82 6.44 2.88 -5.83
CA SER A 82 7.01 3.61 -4.70
C SER A 82 7.23 2.79 -3.45
N LEU A 83 6.53 3.04 -2.32
CA LEU A 83 6.88 2.37 -1.06
C LEU A 83 8.39 2.42 -0.91
N ASN A 84 8.96 3.63 -1.13
CA ASN A 84 10.41 3.86 -1.21
C ASN A 84 10.69 4.76 -2.41
N ILE A 85 10.48 4.28 -3.65
CA ILE A 85 10.91 5.01 -4.85
C ILE A 85 9.82 5.93 -5.39
N ASP A 86 9.83 6.37 -6.67
CA ASP A 86 8.77 7.23 -7.19
C ASP A 86 7.50 6.45 -7.42
N CYS A 87 6.34 7.14 -7.55
CA CYS A 87 5.07 6.42 -7.73
C CYS A 87 4.77 6.18 -9.19
N SER A 88 4.19 5.01 -9.54
CA SER A 88 3.86 4.73 -10.95
C SER A 88 2.73 5.64 -11.38
N ARG A 89 3.03 6.92 -11.70
CA ARG A 89 1.98 7.84 -12.14
C ARG A 89 1.65 7.55 -13.60
N VAL A 90 0.76 6.56 -13.87
CA VAL A 90 0.43 6.21 -15.25
C VAL A 90 -1.00 5.72 -15.32
N ILE A 1 11.40 -1.29 8.54
CA ILE A 1 10.01 -1.76 8.45
C ILE A 1 9.53 -1.68 7.01
N ASP A 2 9.30 -0.49 6.43
CA ASP A 2 8.95 -0.40 5.01
C ASP A 2 10.23 -0.14 4.24
N CYS A 3 10.21 -0.08 2.89
CA CYS A 3 11.46 -0.16 2.13
C CYS A 3 12.16 -1.46 2.51
N GLY A 4 11.41 -2.52 2.87
CA GLY A 4 12.03 -3.80 3.24
C GLY A 4 11.02 -4.87 3.59
N HIS A 5 10.48 -4.89 4.83
CA HIS A 5 9.53 -5.94 5.19
C HIS A 5 8.16 -5.66 4.62
N VAL A 6 7.62 -4.44 4.77
CA VAL A 6 6.32 -4.14 4.15
C VAL A 6 6.52 -4.36 2.66
N ASP A 7 7.59 -3.75 2.09
CA ASP A 7 7.89 -3.93 0.67
C ASP A 7 7.75 -5.39 0.27
N SER A 8 8.41 -6.33 1.00
CA SER A 8 8.28 -7.74 0.63
C SER A 8 6.82 -8.12 0.41
N LEU A 9 5.89 -7.67 1.28
CA LEU A 9 4.47 -8.00 1.09
C LEU A 9 3.81 -7.16 0.01
N VAL A 10 4.32 -5.97 -0.38
CA VAL A 10 3.70 -5.23 -1.48
C VAL A 10 4.08 -5.86 -2.80
N ARG A 11 5.31 -6.41 -2.96
CA ARG A 11 5.72 -6.94 -4.26
C ARG A 11 4.64 -7.77 -4.94
N PRO A 12 4.02 -8.84 -4.36
CA PRO A 12 2.96 -9.54 -5.08
C PRO A 12 1.78 -8.64 -5.38
N CYS A 13 1.50 -7.60 -4.58
CA CYS A 13 0.39 -6.70 -4.88
C CYS A 13 0.62 -6.00 -6.21
N LEU A 14 1.88 -5.62 -6.52
CA LEU A 14 2.17 -4.83 -7.72
C LEU A 14 1.42 -5.27 -8.97
N SER A 15 1.11 -6.57 -9.18
CA SER A 15 0.49 -6.98 -10.45
C SER A 15 -0.82 -6.26 -10.74
N TYR A 16 -1.96 -6.64 -10.09
CA TYR A 16 -3.23 -5.96 -10.41
C TYR A 16 -3.10 -4.49 -10.08
N VAL A 17 -2.46 -4.16 -8.93
CA VAL A 17 -2.19 -2.76 -8.60
C VAL A 17 -1.81 -1.98 -9.84
N GLN A 18 -0.76 -2.41 -10.58
CA GLN A 18 -0.39 -1.68 -11.79
C GLN A 18 -1.51 -1.83 -12.81
N GLY A 19 -1.91 -3.09 -13.08
CA GLY A 19 -2.95 -3.33 -14.09
C GLY A 19 -2.84 -4.78 -14.53
N GLY A 20 -3.82 -5.66 -14.21
CA GLY A 20 -3.65 -7.08 -14.49
C GLY A 20 -4.53 -7.93 -13.60
N PRO A 21 -4.53 -9.28 -13.70
CA PRO A 21 -5.39 -10.07 -12.82
C PRO A 21 -4.76 -10.26 -11.47
N GLY A 22 -5.45 -10.96 -10.54
CA GLY A 22 -4.86 -11.25 -9.24
C GLY A 22 -5.23 -10.17 -8.23
N PRO A 23 -4.36 -9.68 -7.31
CA PRO A 23 -2.96 -10.09 -7.25
C PRO A 23 -2.85 -11.49 -6.71
N SER A 24 -1.62 -12.04 -6.55
CA SER A 24 -1.51 -13.41 -6.04
C SER A 24 -1.99 -13.48 -4.60
N GLY A 25 -2.33 -14.70 -4.12
CA GLY A 25 -2.87 -14.83 -2.77
C GLY A 25 -2.01 -14.15 -1.72
N GLN A 26 -0.67 -14.27 -1.80
CA GLN A 26 0.19 -13.65 -0.79
C GLN A 26 -0.21 -12.21 -0.56
N CYS A 27 -0.50 -11.42 -1.61
CA CYS A 27 -0.94 -10.05 -1.38
C CYS A 27 -2.32 -10.04 -0.76
N CYS A 28 -3.27 -10.85 -1.24
CA CYS A 28 -4.63 -10.82 -0.68
C CYS A 28 -4.57 -11.12 0.80
N ASP A 29 -3.74 -12.08 1.24
CA ASP A 29 -3.51 -12.25 2.67
C ASP A 29 -2.84 -10.99 3.19
N GLY A 30 -1.74 -10.56 2.53
CA GLY A 30 -1.04 -9.35 2.95
C GLY A 30 -1.98 -8.23 3.25
N VAL A 31 -3.03 -7.99 2.42
CA VAL A 31 -3.96 -6.89 2.69
C VAL A 31 -4.31 -6.84 4.17
N LYS A 32 -4.51 -8.01 4.82
CA LYS A 32 -4.77 -8.00 6.26
C LYS A 32 -3.50 -7.59 6.99
N ASN A 33 -2.40 -8.35 6.84
CA ASN A 33 -1.19 -8.05 7.62
C ASN A 33 -0.68 -6.65 7.29
N LEU A 34 -0.46 -6.35 6.00
CA LEU A 34 -0.06 -5.01 5.55
C LEU A 34 -0.69 -3.92 6.41
N HIS A 35 -2.04 -3.89 6.58
CA HIS A 35 -2.63 -2.81 7.36
C HIS A 35 -2.26 -2.98 8.83
N ASN A 36 -2.33 -4.21 9.37
CA ASN A 36 -1.98 -4.41 10.78
C ASN A 36 -0.60 -3.83 11.05
N GLN A 37 0.37 -4.04 10.13
CA GLN A 37 1.72 -3.47 10.31
C GLN A 37 1.86 -2.09 9.71
N ALA A 38 0.79 -1.26 9.74
CA ALA A 38 0.91 0.15 9.35
C ALA A 38 -0.03 0.94 10.24
N ARG A 39 0.16 0.79 11.57
CA ARG A 39 -0.78 1.28 12.57
C ARG A 39 -0.16 2.18 13.61
N SER A 40 1.08 1.92 14.09
CA SER A 40 1.72 2.81 15.07
C SER A 40 2.12 4.13 14.45
N GLN A 41 2.36 5.19 15.26
CA GLN A 41 2.90 6.44 14.71
C GLN A 41 4.37 6.25 14.38
N SER A 42 4.69 5.37 13.39
CA SER A 42 6.08 5.07 13.04
C SER A 42 6.13 4.17 11.81
N ASP A 43 5.51 2.97 11.86
CA ASP A 43 5.35 2.17 10.64
C ASP A 43 4.50 2.97 9.69
N ARG A 44 3.41 3.61 10.16
CA ARG A 44 2.65 4.52 9.31
C ARG A 44 3.58 5.55 8.68
N GLN A 45 4.45 6.19 9.49
CA GLN A 45 5.32 7.24 8.97
C GLN A 45 6.23 6.69 7.90
N SER A 46 6.97 5.60 8.22
CA SER A 46 7.92 5.05 7.25
C SER A 46 7.18 4.56 6.04
N ALA A 47 6.09 3.82 6.24
CA ALA A 47 5.35 3.28 5.10
C ALA A 47 4.87 4.39 4.20
N CYS A 48 4.24 5.45 4.74
CA CYS A 48 3.76 6.50 3.85
C CYS A 48 4.93 7.07 3.06
N ASN A 49 6.11 7.26 3.69
CA ASN A 49 7.26 7.78 2.95
C ASN A 49 7.73 6.79 1.90
N CYS A 50 8.09 5.54 2.29
CA CYS A 50 8.50 4.54 1.29
C CYS A 50 7.47 4.46 0.18
N LEU A 51 6.17 4.46 0.55
CA LEU A 51 5.11 4.27 -0.44
C LEU A 51 5.25 5.23 -1.60
N LYS A 52 5.51 6.53 -1.37
CA LYS A 52 5.66 7.42 -2.52
C LYS A 52 6.84 6.95 -3.34
N GLY A 53 7.97 6.65 -2.68
CA GLY A 53 9.11 6.12 -3.43
C GLY A 53 8.75 4.90 -4.24
N ILE A 54 7.95 3.96 -3.68
CA ILE A 54 7.63 2.73 -4.41
C ILE A 54 6.50 2.99 -5.39
N ALA A 55 5.28 3.31 -4.90
CA ALA A 55 4.13 3.37 -5.79
C ALA A 55 4.13 4.62 -6.65
N ARG A 56 4.21 5.83 -6.05
CA ARG A 56 4.12 7.05 -6.86
C ARG A 56 5.24 7.01 -7.87
N GLY A 57 6.48 6.67 -7.44
CA GLY A 57 7.59 6.56 -8.40
C GLY A 57 7.20 5.79 -9.64
N ILE A 58 6.50 4.63 -9.51
CA ILE A 58 6.09 3.89 -10.70
C ILE A 58 5.10 4.78 -11.43
N HIS A 59 5.31 5.09 -12.73
CA HIS A 59 4.44 6.03 -13.42
C HIS A 59 3.18 5.33 -13.89
N ASN A 60 3.32 4.24 -14.68
CA ASN A 60 2.13 3.54 -15.19
C ASN A 60 1.52 2.71 -14.09
N LEU A 61 0.80 3.34 -13.14
CA LEU A 61 0.16 2.61 -12.03
C LEU A 61 -1.29 3.03 -11.93
N ASN A 62 -2.28 2.13 -12.07
CA ASN A 62 -3.68 2.54 -11.90
C ASN A 62 -3.98 2.80 -10.44
N GLU A 63 -3.84 4.04 -9.94
CA GLU A 63 -4.14 4.29 -8.53
C GLU A 63 -5.55 3.88 -8.16
N ASP A 64 -6.55 3.96 -9.08
CA ASP A 64 -7.92 3.65 -8.66
C ASP A 64 -8.09 2.18 -8.32
N ASN A 65 -7.80 1.22 -9.22
CA ASN A 65 -7.96 -0.18 -8.84
C ASN A 65 -7.07 -0.45 -7.65
N ALA A 66 -5.82 0.10 -7.63
CA ALA A 66 -4.99 -0.08 -6.44
C ALA A 66 -5.73 0.35 -5.20
N ARG A 67 -6.37 1.54 -5.22
CA ARG A 67 -7.17 1.99 -4.07
C ARG A 67 -8.34 1.07 -3.81
N SER A 68 -8.96 0.47 -4.85
CA SER A 68 -10.09 -0.44 -4.62
C SER A 68 -9.66 -1.83 -4.17
N ILE A 69 -8.43 -2.30 -4.47
CA ILE A 69 -8.03 -3.63 -4.02
C ILE A 69 -8.24 -3.87 -2.52
N PRO A 70 -7.74 -3.08 -1.54
CA PRO A 70 -7.84 -3.50 -0.16
C PRO A 70 -9.20 -4.01 0.30
N PRO A 71 -10.35 -3.31 0.22
CA PRO A 71 -11.59 -3.92 0.68
C PRO A 71 -11.95 -5.15 -0.13
N LYS A 72 -11.52 -5.31 -1.39
CA LYS A 72 -11.82 -6.55 -2.12
C LYS A 72 -11.31 -7.74 -1.33
N CYS A 73 -10.14 -7.64 -0.66
CA CYS A 73 -9.70 -8.71 0.25
C CYS A 73 -10.11 -8.38 1.67
N GLY A 74 -11.42 -8.19 1.93
CA GLY A 74 -11.93 -8.26 3.30
C GLY A 74 -11.76 -7.04 4.17
N VAL A 75 -10.78 -6.11 3.97
CA VAL A 75 -10.60 -5.04 4.95
C VAL A 75 -9.87 -3.83 4.41
N ASN A 76 -10.25 -2.60 4.84
CA ASN A 76 -9.61 -1.39 4.34
C ASN A 76 -8.48 -0.94 5.25
N LEU A 77 -7.50 -0.16 4.72
CA LEU A 77 -6.45 0.41 5.56
C LEU A 77 -6.98 1.62 6.29
N PRO A 78 -6.44 2.07 7.47
CA PRO A 78 -7.04 3.20 8.16
C PRO A 78 -7.01 4.50 7.40
N TYR A 79 -5.92 4.84 6.67
CA TYR A 79 -5.91 6.02 5.79
C TYR A 79 -5.87 5.49 4.38
N THR A 80 -6.07 6.32 3.34
CA THR A 80 -6.03 5.78 1.98
C THR A 80 -4.57 5.58 1.59
N ILE A 81 -4.03 6.27 0.57
CA ILE A 81 -2.71 5.92 0.04
C ILE A 81 -1.99 7.20 -0.36
N SER A 82 -0.86 7.18 -1.08
CA SER A 82 -0.09 8.41 -1.33
C SER A 82 0.31 8.52 -2.78
N LEU A 83 -0.53 8.06 -3.73
CA LEU A 83 -0.12 8.05 -5.14
C LEU A 83 -0.42 9.39 -5.76
N ASN A 84 -1.71 9.76 -5.90
CA ASN A 84 -2.08 10.99 -6.61
C ASN A 84 -2.58 12.01 -5.61
N ILE A 85 -1.89 12.15 -4.45
CA ILE A 85 -2.35 13.03 -3.37
C ILE A 85 -1.26 13.18 -2.31
N ASP A 86 -1.44 14.10 -1.32
CA ASP A 86 -0.47 14.23 -0.23
C ASP A 86 -0.25 12.91 0.47
N CYS A 87 0.84 12.74 1.25
CA CYS A 87 1.11 11.44 1.86
C CYS A 87 0.08 11.09 2.91
N SER A 88 -0.15 11.97 3.91
CA SER A 88 -1.06 11.66 5.02
C SER A 88 -0.50 10.56 5.90
N ARG A 89 -0.39 10.72 7.24
CA ARG A 89 0.23 9.68 8.07
C ARG A 89 0.10 9.91 9.56
N VAL A 90 0.45 11.09 10.10
CA VAL A 90 0.45 11.29 11.56
C VAL A 90 0.09 12.72 11.86
N ILE A 1 11.40 -1.29 8.54
CA ILE A 1 10.01 -1.77 8.46
C ILE A 1 9.54 -1.69 7.01
N ASP A 2 9.30 -0.49 6.43
CA ASP A 2 8.95 -0.40 5.01
C ASP A 2 10.23 -0.14 4.24
N CYS A 3 10.21 -0.08 2.89
CA CYS A 3 11.46 -0.16 2.13
C CYS A 3 12.16 -1.46 2.51
N GLY A 4 11.41 -2.52 2.87
CA GLY A 4 12.04 -3.79 3.24
C GLY A 4 11.02 -4.87 3.58
N HIS A 5 10.49 -4.90 4.83
CA HIS A 5 9.53 -5.95 5.19
C HIS A 5 8.16 -5.66 4.62
N VAL A 6 7.62 -4.44 4.77
CA VAL A 6 6.32 -4.15 4.14
C VAL A 6 6.52 -4.36 2.66
N ASP A 7 7.59 -3.75 2.09
CA ASP A 7 7.89 -3.93 0.67
C ASP A 7 7.75 -5.39 0.27
N SER A 8 8.41 -6.33 1.00
CA SER A 8 8.28 -7.74 0.63
C SER A 8 6.82 -8.12 0.41
N LEU A 9 5.89 -7.67 1.28
CA LEU A 9 4.47 -8.00 1.09
C LEU A 9 3.81 -7.16 0.01
N VAL A 10 4.32 -5.97 -0.38
CA VAL A 10 3.69 -5.23 -1.48
C VAL A 10 4.08 -5.86 -2.80
N ARG A 11 5.31 -6.41 -2.96
CA ARG A 11 5.72 -6.94 -4.26
C ARG A 11 4.64 -7.77 -4.94
N PRO A 12 4.02 -8.84 -4.36
CA PRO A 12 2.96 -9.54 -5.08
C PRO A 12 1.78 -8.64 -5.38
N CYS A 13 1.50 -7.60 -4.58
CA CYS A 13 0.39 -6.70 -4.88
C CYS A 13 0.62 -6.00 -6.21
N LEU A 14 1.88 -5.62 -6.52
CA LEU A 14 2.17 -4.83 -7.72
C LEU A 14 1.42 -5.27 -8.97
N SER A 15 1.11 -6.57 -9.18
CA SER A 15 0.49 -6.98 -10.45
C SER A 15 -0.82 -6.27 -10.73
N TYR A 16 -1.96 -6.64 -10.09
CA TYR A 16 -3.23 -5.97 -10.40
C TYR A 16 -3.10 -4.49 -10.08
N VAL A 17 -2.47 -4.16 -8.93
CA VAL A 17 -2.19 -2.76 -8.60
C VAL A 17 -1.81 -1.98 -9.84
N GLN A 18 -0.76 -2.41 -10.58
CA GLN A 18 -0.39 -1.68 -11.79
C GLN A 18 -1.51 -1.83 -12.81
N GLY A 19 -1.91 -3.09 -13.08
CA GLY A 19 -2.94 -3.34 -14.08
C GLY A 19 -2.84 -4.78 -14.53
N GLY A 20 -3.82 -5.66 -14.21
CA GLY A 20 -3.65 -7.08 -14.49
C GLY A 20 -4.53 -7.93 -13.60
N PRO A 21 -4.53 -9.28 -13.70
CA PRO A 21 -5.40 -10.07 -12.83
C PRO A 21 -4.76 -10.26 -11.47
N GLY A 22 -5.44 -10.97 -10.54
CA GLY A 22 -4.86 -11.24 -9.23
C GLY A 22 -5.23 -10.17 -8.23
N PRO A 23 -4.36 -9.68 -7.31
CA PRO A 23 -2.96 -10.09 -7.25
C PRO A 23 -2.85 -11.49 -6.71
N SER A 24 -1.62 -12.04 -6.55
CA SER A 24 -1.51 -13.41 -6.04
C SER A 24 -1.99 -13.48 -4.60
N GLY A 25 -2.33 -14.70 -4.12
CA GLY A 25 -2.87 -14.83 -2.77
C GLY A 25 -2.01 -14.15 -1.72
N GLN A 26 -0.67 -14.27 -1.80
CA GLN A 26 0.19 -13.65 -0.80
C GLN A 26 -0.21 -12.21 -0.56
N CYS A 27 -0.50 -11.42 -1.61
CA CYS A 27 -0.94 -10.05 -1.38
C CYS A 27 -2.32 -10.04 -0.76
N CYS A 28 -3.28 -10.85 -1.26
CA CYS A 28 -4.63 -10.82 -0.69
C CYS A 28 -4.57 -11.12 0.79
N ASP A 29 -3.74 -12.08 1.24
CA ASP A 29 -3.51 -12.25 2.67
C ASP A 29 -2.85 -10.98 3.19
N GLY A 30 -1.74 -10.56 2.53
CA GLY A 30 -1.04 -9.35 2.95
C GLY A 30 -1.99 -8.22 3.25
N VAL A 31 -3.04 -7.99 2.43
CA VAL A 31 -3.96 -6.89 2.69
C VAL A 31 -4.31 -6.84 4.17
N LYS A 32 -4.52 -8.01 4.82
CA LYS A 32 -4.77 -8.00 6.26
C LYS A 32 -3.51 -7.58 6.99
N ASN A 33 -2.39 -8.34 6.84
CA ASN A 33 -1.19 -8.03 7.62
C ASN A 33 -0.68 -6.64 7.29
N LEU A 34 -0.46 -6.34 5.99
CA LEU A 34 -0.06 -5.00 5.54
C LEU A 34 -0.69 -3.91 6.40
N HIS A 35 -2.03 -3.90 6.58
CA HIS A 35 -2.63 -2.82 7.37
C HIS A 35 -2.26 -2.98 8.83
N ASN A 36 -2.33 -4.22 9.37
CA ASN A 36 -1.97 -4.42 10.78
C ASN A 36 -0.60 -3.84 11.06
N GLN A 37 0.38 -4.06 10.15
CA GLN A 37 1.72 -3.49 10.33
C GLN A 37 1.86 -2.08 9.73
N ALA A 38 0.78 -1.26 9.77
CA ALA A 38 0.89 0.15 9.38
C ALA A 38 -0.04 0.93 10.27
N ARG A 39 0.17 0.77 11.60
CA ARG A 39 -0.78 1.26 12.61
C ARG A 39 -0.16 2.17 13.66
N SER A 40 1.09 1.93 14.12
CA SER A 40 1.72 2.82 15.09
C SER A 40 2.12 4.14 14.47
N GLN A 41 2.38 5.20 15.27
CA GLN A 41 2.90 6.44 14.71
C GLN A 41 4.37 6.25 14.38
N SER A 42 4.69 5.37 13.39
CA SER A 42 6.08 5.06 13.05
C SER A 42 6.13 4.17 11.82
N ASP A 43 5.51 2.97 11.87
CA ASP A 43 5.35 2.17 10.67
C ASP A 43 4.50 2.97 9.70
N ARG A 44 3.41 3.61 10.17
CA ARG A 44 2.65 4.52 9.31
C ARG A 44 3.58 5.54 8.68
N GLN A 45 4.45 6.18 9.51
CA GLN A 45 5.32 7.24 8.98
C GLN A 45 6.23 6.69 7.90
N SER A 46 6.97 5.60 8.22
CA SER A 46 7.92 5.04 7.27
C SER A 46 7.19 4.56 6.04
N ALA A 47 6.09 3.82 6.24
CA ALA A 47 5.36 3.28 5.10
C ALA A 47 4.88 4.39 4.20
N CYS A 48 4.24 5.45 4.74
CA CYS A 48 3.76 6.50 3.85
C CYS A 48 4.93 7.07 3.06
N ASN A 49 6.11 7.26 3.69
CA ASN A 49 7.26 7.78 2.95
C ASN A 49 7.72 6.79 1.90
N CYS A 50 8.09 5.54 2.29
CA CYS A 50 8.50 4.55 1.28
C CYS A 50 7.46 4.46 0.18
N LEU A 51 6.17 4.46 0.55
CA LEU A 51 5.11 4.28 -0.44
C LEU A 51 5.24 5.23 -1.60
N LYS A 52 5.50 6.53 -1.37
CA LYS A 52 5.65 7.42 -2.52
C LYS A 52 6.84 6.95 -3.34
N GLY A 53 7.97 6.65 -2.69
CA GLY A 53 9.11 6.13 -3.44
C GLY A 53 8.75 4.90 -4.24
N ILE A 54 7.95 3.96 -3.68
CA ILE A 54 7.64 2.72 -4.41
C ILE A 54 6.50 2.99 -5.39
N ALA A 55 5.28 3.31 -4.90
CA ALA A 55 4.13 3.37 -5.79
C ALA A 55 4.13 4.62 -6.65
N ARG A 56 4.21 5.83 -6.05
CA ARG A 56 4.12 7.05 -6.86
C ARG A 56 5.24 7.01 -7.87
N GLY A 57 6.49 6.68 -7.44
CA GLY A 57 7.59 6.56 -8.40
C GLY A 57 7.20 5.79 -9.64
N ILE A 58 6.50 4.63 -9.51
CA ILE A 58 6.09 3.89 -10.70
C ILE A 58 5.10 4.78 -11.43
N HIS A 59 5.31 5.09 -12.73
CA HIS A 59 4.43 6.03 -13.41
C HIS A 59 3.18 5.33 -13.89
N ASN A 60 3.32 4.24 -14.68
CA ASN A 60 2.13 3.54 -15.19
C ASN A 60 1.52 2.71 -14.09
N LEU A 61 0.80 3.34 -13.14
CA LEU A 61 0.16 2.61 -12.03
C LEU A 61 -1.29 3.03 -11.93
N ASN A 62 -2.28 2.13 -12.07
CA ASN A 62 -3.68 2.55 -11.91
C ASN A 62 -3.98 2.80 -10.45
N GLU A 63 -3.85 4.05 -9.95
CA GLU A 63 -4.15 4.30 -8.53
C GLU A 63 -5.55 3.88 -8.17
N ASP A 64 -6.55 3.95 -9.08
CA ASP A 64 -7.92 3.65 -8.66
C ASP A 64 -8.09 2.18 -8.32
N ASN A 65 -7.80 1.22 -9.22
CA ASN A 65 -7.96 -0.18 -8.84
C ASN A 65 -7.07 -0.45 -7.65
N ALA A 66 -5.83 0.09 -7.63
CA ALA A 66 -4.99 -0.08 -6.44
C ALA A 66 -5.73 0.35 -5.20
N ARG A 67 -6.37 1.54 -5.22
CA ARG A 67 -7.17 1.99 -4.07
C ARG A 67 -8.34 1.07 -3.81
N SER A 68 -8.96 0.47 -4.85
CA SER A 68 -10.09 -0.44 -4.62
C SER A 68 -9.66 -1.83 -4.17
N ILE A 69 -8.43 -2.30 -4.47
CA ILE A 69 -8.02 -3.63 -4.01
C ILE A 69 -8.24 -3.87 -2.52
N PRO A 70 -7.74 -3.08 -1.54
CA PRO A 70 -7.84 -3.50 -0.15
C PRO A 70 -9.20 -4.02 0.30
N PRO A 71 -10.35 -3.31 0.22
CA PRO A 71 -11.59 -3.92 0.69
C PRO A 71 -11.96 -5.15 -0.12
N LYS A 72 -11.52 -5.31 -1.39
CA LYS A 72 -11.83 -6.54 -2.11
C LYS A 72 -11.31 -7.74 -1.33
N CYS A 73 -10.14 -7.64 -0.66
CA CYS A 73 -9.70 -8.71 0.25
C CYS A 73 -10.10 -8.38 1.67
N GLY A 74 -11.42 -8.19 1.93
CA GLY A 74 -11.93 -8.25 3.30
C GLY A 74 -11.75 -7.02 4.17
N VAL A 75 -10.77 -6.11 3.97
CA VAL A 75 -10.59 -5.04 4.95
C VAL A 75 -9.86 -3.82 4.40
N ASN A 76 -10.24 -2.59 4.84
CA ASN A 76 -9.59 -1.38 4.34
C ASN A 76 -8.47 -0.93 5.24
N LEU A 77 -7.49 -0.17 4.71
CA LEU A 77 -6.43 0.41 5.55
C LEU A 77 -6.97 1.63 6.29
N PRO A 78 -6.44 2.06 7.46
CA PRO A 78 -7.05 3.19 8.16
C PRO A 78 -7.01 4.50 7.40
N TYR A 79 -5.92 4.82 6.67
CA TYR A 79 -5.88 6.01 5.80
C TYR A 79 -5.86 5.49 4.39
N THR A 80 -6.06 6.32 3.34
CA THR A 80 -6.03 5.79 1.98
C THR A 80 -4.58 5.59 1.59
N ILE A 81 -4.03 6.27 0.56
CA ILE A 81 -2.71 5.92 0.03
C ILE A 81 -2.00 7.20 -0.36
N SER A 82 -0.86 7.18 -1.08
CA SER A 82 -0.09 8.40 -1.32
C SER A 82 0.31 8.52 -2.78
N LEU A 83 -0.53 8.06 -3.73
CA LEU A 83 -0.11 8.06 -5.13
C LEU A 83 -0.42 9.39 -5.76
N ASN A 84 -1.71 9.76 -5.90
CA ASN A 84 -2.08 10.99 -6.61
C ASN A 84 -2.58 12.01 -5.61
N ILE A 85 -1.89 12.15 -4.45
CA ILE A 85 -2.35 13.04 -3.37
C ILE A 85 -1.26 13.18 -2.31
N ASP A 86 -1.44 14.10 -1.32
CA ASP A 86 -0.47 14.24 -0.23
C ASP A 86 -0.25 12.91 0.47
N CYS A 87 0.84 12.74 1.25
CA CYS A 87 1.11 11.44 1.86
C CYS A 87 0.08 11.09 2.91
N SER A 88 -0.15 11.98 3.91
CA SER A 88 -1.06 11.67 5.02
C SER A 88 -0.50 10.56 5.90
N ARG A 89 -0.40 10.73 7.24
CA ARG A 89 0.23 9.68 8.07
C ARG A 89 0.09 9.91 9.55
N VAL A 90 0.45 11.09 10.10
CA VAL A 90 0.45 11.29 11.56
C VAL A 90 0.09 12.72 11.86
N ILE A 1 -4.96 9.39 -2.06
CA ILE A 1 -5.71 10.40 -2.83
C ILE A 1 -6.32 9.78 -4.06
N ASP A 2 -7.44 10.34 -4.59
CA ASP A 2 -8.04 9.78 -5.78
C ASP A 2 -8.10 8.26 -5.69
N CYS A 3 -8.90 7.72 -4.74
CA CYS A 3 -9.02 6.27 -4.57
C CYS A 3 -9.27 5.61 -5.90
N GLY A 4 -8.19 5.30 -6.65
CA GLY A 4 -8.31 4.85 -8.04
C GLY A 4 -6.96 5.03 -8.71
N HIS A 5 -6.40 6.26 -8.66
CA HIS A 5 -5.01 6.46 -9.05
C HIS A 5 -4.14 5.62 -8.14
N VAL A 6 -4.29 5.75 -6.80
CA VAL A 6 -3.57 4.86 -5.88
C VAL A 6 -3.70 3.44 -6.38
N ASP A 7 -4.95 2.94 -6.52
CA ASP A 7 -5.13 1.55 -6.95
C ASP A 7 -4.34 1.26 -8.21
N SER A 8 -4.47 2.08 -9.28
CA SER A 8 -3.73 1.80 -10.51
C SER A 8 -2.27 1.49 -10.21
N LEU A 9 -1.62 2.29 -9.34
CA LEU A 9 -0.20 2.05 -9.04
C LEU A 9 0.01 0.83 -8.16
N VAL A 10 -0.96 0.38 -7.33
CA VAL A 10 -0.74 -0.86 -6.57
C VAL A 10 -0.88 -2.07 -7.46
N ARG A 11 -1.71 -2.06 -8.52
CA ARG A 11 -1.92 -3.30 -9.29
C ARG A 11 -0.65 -4.08 -9.55
N PRO A 12 0.48 -3.56 -10.10
CA PRO A 12 1.68 -4.39 -10.21
C PRO A 12 2.21 -4.83 -8.86
N CYS A 13 2.04 -4.03 -7.78
CA CYS A 13 2.44 -4.49 -6.44
C CYS A 13 1.58 -5.65 -5.99
N LEU A 14 0.25 -5.60 -6.30
CA LEU A 14 -0.68 -6.66 -5.87
C LEU A 14 0.02 -8.01 -5.96
N SER A 15 0.66 -8.31 -7.11
CA SER A 15 1.32 -9.61 -7.29
C SER A 15 2.06 -10.11 -6.06
N TYR A 16 3.21 -9.51 -5.68
CA TYR A 16 3.98 -10.04 -4.54
C TYR A 16 3.29 -9.65 -3.24
N VAL A 17 2.64 -8.46 -3.16
CA VAL A 17 1.84 -8.16 -1.96
C VAL A 17 1.03 -9.39 -1.59
N GLN A 18 0.39 -10.05 -2.59
CA GLN A 18 -0.31 -11.29 -2.32
C GLN A 18 0.69 -12.43 -2.18
N GLY A 19 1.58 -12.59 -3.19
CA GLY A 19 2.61 -13.62 -3.12
C GLY A 19 3.26 -13.78 -4.48
N GLY A 20 4.61 -13.71 -4.62
CA GLY A 20 5.22 -13.74 -5.95
C GLY A 20 6.62 -13.16 -5.96
N PRO A 21 7.34 -13.05 -7.11
CA PRO A 21 8.67 -12.47 -7.10
C PRO A 21 8.62 -10.97 -7.32
N GLY A 22 9.79 -10.29 -7.41
CA GLY A 22 9.81 -8.87 -7.80
C GLY A 22 9.53 -7.97 -6.60
N PRO A 23 8.46 -7.14 -6.54
CA PRO A 23 7.46 -7.04 -7.58
C PRO A 23 8.00 -6.29 -8.78
N SER A 24 7.19 -6.12 -9.85
CA SER A 24 7.71 -5.49 -11.07
C SER A 24 8.36 -4.14 -10.82
N GLY A 25 9.29 -3.70 -11.70
CA GLY A 25 9.83 -2.35 -11.57
C GLY A 25 8.71 -1.34 -11.53
N GLN A 26 7.62 -1.56 -12.30
CA GLN A 26 6.48 -0.63 -12.25
C GLN A 26 6.05 -0.47 -10.80
N CYS A 27 5.88 -1.58 -10.05
CA CYS A 27 5.53 -1.44 -8.64
C CYS A 27 6.62 -0.70 -7.91
N CYS A 28 7.92 -0.98 -8.15
CA CYS A 28 8.95 -0.26 -7.40
C CYS A 28 8.82 1.23 -7.64
N ASP A 29 8.60 1.68 -8.89
CA ASP A 29 8.32 3.11 -9.10
C ASP A 29 7.06 3.45 -8.32
N GLY A 30 6.02 2.61 -8.41
CA GLY A 30 4.82 2.81 -7.61
C GLY A 30 5.13 2.93 -6.13
N VAL A 31 6.08 2.15 -5.57
CA VAL A 31 6.35 2.23 -4.12
C VAL A 31 6.70 3.65 -3.76
N LYS A 32 7.78 4.22 -4.34
CA LYS A 32 8.18 5.56 -3.95
C LYS A 32 7.03 6.52 -4.15
N ASN A 33 6.28 6.41 -5.27
CA ASN A 33 5.17 7.34 -5.51
C ASN A 33 4.11 7.14 -4.44
N LEU A 34 3.63 5.89 -4.26
CA LEU A 34 2.57 5.58 -3.30
C LEU A 34 2.91 6.11 -1.92
N HIS A 35 4.10 5.76 -1.39
CA HIS A 35 4.44 6.21 -0.04
C HIS A 35 4.53 7.73 0.03
N ASN A 36 4.81 8.43 -1.09
CA ASN A 36 4.99 9.87 -1.07
C ASN A 36 3.66 10.58 -1.25
N GLN A 37 2.93 10.30 -2.35
CA GLN A 37 1.68 11.01 -2.59
C GLN A 37 0.71 10.79 -1.44
N ALA A 38 0.66 9.57 -0.85
CA ALA A 38 -0.27 9.34 0.26
C ALA A 38 0.34 9.86 1.55
N ARG A 39 0.15 11.15 1.91
CA ARG A 39 0.75 11.69 3.13
C ARG A 39 -0.07 12.81 3.74
N SER A 40 -1.35 12.52 4.10
CA SER A 40 -2.20 13.50 4.78
C SER A 40 -3.46 12.84 5.30
N GLN A 41 -4.28 13.51 6.13
CA GLN A 41 -5.48 12.84 6.64
C GLN A 41 -6.42 12.49 5.50
N SER A 42 -6.70 13.44 4.59
CA SER A 42 -7.56 13.12 3.45
C SER A 42 -7.06 11.87 2.76
N ASP A 43 -5.73 11.74 2.61
CA ASP A 43 -5.18 10.60 1.91
C ASP A 43 -5.41 9.35 2.71
N ARG A 44 -5.14 9.35 4.05
CA ARG A 44 -5.42 8.15 4.82
C ARG A 44 -6.82 7.70 4.48
N GLN A 45 -7.83 8.60 4.55
CA GLN A 45 -9.18 8.20 4.15
C GLN A 45 -9.17 7.65 2.73
N SER A 46 -8.86 8.46 1.70
CA SER A 46 -8.99 7.98 0.33
C SER A 46 -8.11 6.78 0.06
N ALA A 47 -6.78 6.93 0.22
CA ALA A 47 -5.87 5.83 -0.07
C ALA A 47 -6.26 4.62 0.75
N CYS A 48 -6.43 4.75 2.09
CA CYS A 48 -6.74 3.56 2.88
C CYS A 48 -8.11 3.02 2.57
N ASN A 49 -9.09 3.82 2.09
CA ASN A 49 -10.39 3.24 1.73
C ASN A 49 -10.19 2.33 0.53
N CYS A 50 -9.53 2.80 -0.55
CA CYS A 50 -9.21 1.88 -1.65
C CYS A 50 -8.60 0.61 -1.07
N LEU A 51 -7.53 0.76 -0.27
CA LEU A 51 -6.91 -0.44 0.32
C LEU A 51 -7.91 -1.35 0.99
N LYS A 52 -8.76 -0.83 1.90
CA LYS A 52 -9.73 -1.70 2.56
C LYS A 52 -10.45 -2.51 1.51
N GLY A 53 -10.94 -1.84 0.43
CA GLY A 53 -11.64 -2.57 -0.62
C GLY A 53 -10.75 -3.56 -1.33
N ILE A 54 -9.52 -3.18 -1.74
CA ILE A 54 -8.69 -4.08 -2.54
C ILE A 54 -7.98 -5.05 -1.61
N ALA A 55 -6.93 -4.62 -0.88
CA ALA A 55 -6.09 -5.60 -0.18
C ALA A 55 -6.84 -6.29 0.92
N ARG A 56 -7.45 -5.56 1.88
CA ARG A 56 -8.07 -6.26 3.01
C ARG A 56 -9.23 -7.08 2.49
N GLY A 57 -9.99 -6.56 1.49
CA GLY A 57 -11.00 -7.39 0.85
C GLY A 57 -10.39 -8.67 0.31
N ILE A 58 -9.24 -8.59 -0.37
CA ILE A 58 -8.56 -9.81 -0.82
C ILE A 58 -8.09 -10.57 0.41
N HIS A 59 -7.98 -11.92 0.33
CA HIS A 59 -7.49 -12.71 1.46
C HIS A 59 -6.43 -13.67 0.94
N ASN A 60 -5.80 -14.49 1.82
CA ASN A 60 -4.64 -15.27 1.37
C ASN A 60 -3.62 -14.27 0.85
N LEU A 61 -3.24 -13.31 1.72
CA LEU A 61 -2.40 -12.17 1.31
C LEU A 61 -1.20 -12.12 2.23
N ASN A 62 0.05 -12.10 1.70
CA ASN A 62 1.22 -12.15 2.57
C ASN A 62 1.48 -10.79 3.19
N GLU A 63 0.65 -10.37 4.17
CA GLU A 63 0.84 -9.06 4.80
C GLU A 63 2.27 -8.87 5.27
N ASP A 64 2.95 -9.90 5.82
CA ASP A 64 4.30 -9.70 6.33
C ASP A 64 5.22 -9.31 5.21
N ASN A 65 5.34 -10.14 4.15
CA ASN A 65 6.19 -9.75 3.02
C ASN A 65 5.74 -8.41 2.47
N ALA A 66 4.42 -8.16 2.39
CA ALA A 66 3.97 -6.85 1.93
C ALA A 66 4.55 -5.73 2.79
N ARG A 67 4.86 -5.96 4.08
CA ARG A 67 5.59 -4.94 4.85
C ARG A 67 6.99 -4.79 4.28
N SER A 68 7.67 -5.91 3.95
CA SER A 68 9.03 -5.84 3.40
C SER A 68 9.07 -5.20 2.02
N ILE A 69 8.03 -5.35 1.18
CA ILE A 69 8.09 -4.78 -0.18
C ILE A 69 8.61 -3.35 -0.17
N PRO A 70 7.98 -2.34 0.47
CA PRO A 70 8.43 -0.97 0.33
C PRO A 70 9.92 -0.76 0.52
N PRO A 71 10.58 -1.07 1.67
CA PRO A 71 12.02 -0.86 1.73
C PRO A 71 12.75 -1.86 0.86
N LYS A 72 12.21 -3.09 0.63
CA LYS A 72 12.93 -4.05 -0.22
C LYS A 72 13.12 -3.48 -1.60
N CYS A 73 12.14 -2.73 -2.16
CA CYS A 73 12.32 -2.16 -3.50
C CYS A 73 11.96 -0.69 -3.55
N GLY A 74 12.41 0.13 -2.57
CA GLY A 74 12.20 1.57 -2.68
C GLY A 74 12.43 2.32 -1.38
N VAL A 75 11.43 2.31 -0.46
CA VAL A 75 11.48 3.18 0.71
C VAL A 75 10.33 2.84 1.65
N ASN A 76 10.48 3.04 2.98
CA ASN A 76 9.44 2.60 3.91
C ASN A 76 8.09 3.26 3.72
N LEU A 77 7.00 2.65 4.25
CA LEU A 77 5.68 3.30 4.28
C LEU A 77 5.65 4.33 5.40
N PRO A 78 4.84 5.43 5.39
CA PRO A 78 4.78 6.30 6.57
C PRO A 78 4.14 5.65 7.78
N TYR A 79 3.17 4.71 7.65
CA TYR A 79 2.60 4.03 8.82
C TYR A 79 2.18 2.63 8.43
N THR A 80 1.89 1.68 9.34
CA THR A 80 1.77 0.26 8.94
C THR A 80 0.56 -0.12 8.09
N ILE A 81 -0.38 0.77 7.76
CA ILE A 81 -1.48 0.46 6.84
C ILE A 81 -2.36 -0.72 7.23
N SER A 82 -3.58 -0.86 6.63
CA SER A 82 -4.53 -1.89 7.09
C SER A 82 -4.40 -3.22 6.37
N LEU A 83 -3.18 -3.77 6.17
CA LEU A 83 -3.06 -5.17 5.75
C LEU A 83 -2.98 -5.94 7.04
N ASN A 84 -4.08 -5.97 7.83
CA ASN A 84 -4.06 -6.58 9.16
C ASN A 84 -3.27 -5.79 10.19
N ILE A 85 -3.11 -4.44 10.04
CA ILE A 85 -2.52 -3.61 11.11
C ILE A 85 -3.41 -2.41 11.40
N ASP A 86 -3.41 -1.30 10.63
CA ASP A 86 -4.19 -0.12 11.03
C ASP A 86 -4.54 0.88 9.94
N CYS A 87 -5.40 1.88 10.27
CA CYS A 87 -5.63 3.04 9.39
C CYS A 87 -6.35 4.10 10.20
N SER A 88 -5.61 4.83 11.07
CA SER A 88 -6.24 5.81 11.96
C SER A 88 -7.26 6.70 11.28
N ARG A 89 -6.94 7.26 10.09
CA ARG A 89 -7.92 8.13 9.41
C ARG A 89 -8.35 9.23 10.34
N VAL A 90 -7.40 10.05 10.82
CA VAL A 90 -7.74 11.16 11.72
C VAL A 90 -8.51 12.21 10.95
N ILE A 1 2.77 -8.99 11.54
CA ILE A 1 2.05 -7.71 11.41
C ILE A 1 0.64 -7.83 11.94
N ASP A 2 -0.09 -6.70 12.11
CA ASP A 2 -1.47 -6.77 12.59
C ASP A 2 -2.39 -5.79 11.87
N CYS A 3 -2.17 -5.49 10.56
CA CYS A 3 -3.02 -4.52 9.86
C CYS A 3 -2.76 -3.11 10.35
N GLY A 4 -2.91 -2.80 11.67
CA GLY A 4 -2.63 -1.44 12.15
C GLY A 4 -1.19 -1.05 11.90
N HIS A 5 -0.22 -1.95 12.15
CA HIS A 5 1.18 -1.62 11.91
C HIS A 5 1.36 -1.21 10.46
N VAL A 6 0.83 -2.00 9.50
CA VAL A 6 0.81 -1.54 8.11
C VAL A 6 0.18 -0.16 8.05
N ASP A 7 -1.05 0.00 8.58
CA ASP A 7 -1.71 1.30 8.50
C ASP A 7 -0.86 2.41 9.09
N SER A 8 0.06 2.12 10.03
CA SER A 8 0.98 3.16 10.51
C SER A 8 1.98 3.52 9.42
N LEU A 9 2.57 2.54 8.71
CA LEU A 9 3.59 2.85 7.72
C LEU A 9 3.04 3.51 6.47
N VAL A 10 1.77 3.27 6.10
CA VAL A 10 1.23 3.91 4.88
C VAL A 10 1.02 5.41 5.10
N ARG A 11 0.75 5.87 6.34
CA ARG A 11 0.39 7.26 6.57
C ARG A 11 1.13 8.26 5.70
N PRO A 12 2.49 8.34 5.63
CA PRO A 12 3.10 9.29 4.71
C PRO A 12 2.55 9.17 3.32
N CYS A 13 2.39 7.95 2.76
CA CYS A 13 1.86 7.84 1.39
C CYS A 13 0.47 8.41 1.30
N LEU A 14 -0.41 8.08 2.28
CA LEU A 14 -1.82 8.53 2.27
C LEU A 14 -2.01 9.90 1.64
N SER A 15 -1.22 10.92 2.04
CA SER A 15 -1.48 12.28 1.54
C SER A 15 -1.26 12.40 0.05
N TYR A 16 -0.05 12.09 -0.47
CA TYR A 16 0.19 12.18 -1.92
C TYR A 16 -0.83 11.30 -2.60
N VAL A 17 -0.98 10.06 -2.08
CA VAL A 17 -1.91 9.10 -2.66
C VAL A 17 -3.27 9.71 -2.96
N GLN A 18 -3.85 10.49 -2.03
CA GLN A 18 -5.16 11.08 -2.33
C GLN A 18 -5.11 11.81 -3.65
N GLY A 19 -4.12 12.71 -3.86
CA GLY A 19 -4.08 13.41 -5.14
C GLY A 19 -2.95 14.42 -5.33
N GLY A 20 -1.67 14.06 -5.10
CA GLY A 20 -0.57 14.93 -5.52
C GLY A 20 0.28 15.60 -4.46
N PRO A 21 -0.17 16.03 -3.25
CA PRO A 21 0.72 16.81 -2.39
C PRO A 21 1.82 15.96 -1.83
N GLY A 22 2.69 16.50 -0.95
CA GLY A 22 3.75 15.67 -0.38
C GLY A 22 3.20 14.49 0.39
N PRO A 23 4.03 13.55 0.92
CA PRO A 23 5.49 13.60 0.80
C PRO A 23 5.97 12.67 -0.29
N SER A 24 7.31 12.55 -0.40
CA SER A 24 7.94 11.50 -1.21
C SER A 24 9.17 11.06 -0.47
N GLY A 25 9.89 10.00 -0.86
CA GLY A 25 11.06 9.59 -0.06
C GLY A 25 10.59 8.93 1.22
N GLN A 26 10.00 9.67 2.17
CA GLN A 26 9.44 9.03 3.36
C GLN A 26 8.47 7.95 2.93
N CYS A 27 7.51 8.28 2.03
CA CYS A 27 6.61 7.25 1.53
C CYS A 27 7.44 6.15 0.89
N CYS A 28 8.49 6.48 0.07
CA CYS A 28 9.28 5.43 -0.54
C CYS A 28 9.89 4.51 0.51
N ASP A 29 10.38 5.05 1.65
CA ASP A 29 10.84 4.18 2.72
C ASP A 29 9.69 3.29 3.12
N GLY A 30 8.49 3.88 3.34
CA GLY A 30 7.31 3.07 3.60
C GLY A 30 7.11 2.03 2.53
N VAL A 31 7.31 2.33 1.23
CA VAL A 31 7.06 1.32 0.19
C VAL A 31 7.95 0.12 0.40
N LYS A 32 9.29 0.29 0.40
CA LYS A 32 10.15 -0.90 0.59
C LYS A 32 9.75 -1.60 1.87
N ASN A 33 9.39 -0.87 2.95
CA ASN A 33 9.02 -1.55 4.19
C ASN A 33 7.75 -2.33 3.98
N LEU A 34 6.71 -1.73 3.36
CA LEU A 34 5.46 -2.44 3.12
C LEU A 34 5.75 -3.70 2.34
N HIS A 35 6.50 -3.60 1.21
CA HIS A 35 6.91 -4.81 0.49
C HIS A 35 7.65 -5.75 1.42
N ASN A 36 8.60 -5.26 2.24
CA ASN A 36 9.36 -6.15 3.11
C ASN A 36 8.44 -6.97 3.98
N GLN A 37 7.44 -6.33 4.63
CA GLN A 37 6.53 -7.05 5.52
C GLN A 37 5.33 -7.59 4.79
N ALA A 38 5.55 -8.27 3.64
CA ALA A 38 4.45 -8.83 2.86
C ALA A 38 4.89 -10.11 2.18
N ARG A 39 5.36 -11.12 2.95
CA ARG A 39 5.90 -12.34 2.35
C ARG A 39 5.32 -13.58 3.01
N SER A 40 4.00 -13.56 3.30
CA SER A 40 3.31 -14.74 3.82
C SER A 40 1.83 -14.57 3.62
N GLN A 41 1.00 -15.65 3.55
CA GLN A 41 -0.42 -15.44 3.31
C GLN A 41 -1.00 -14.49 4.34
N SER A 42 -0.84 -14.82 5.64
CA SER A 42 -1.37 -13.94 6.69
C SER A 42 -0.98 -12.50 6.44
N ASP A 43 0.30 -12.23 6.08
CA ASP A 43 0.69 -10.83 5.89
C ASP A 43 -0.21 -10.19 4.85
N ARG A 44 -0.35 -10.80 3.65
CA ARG A 44 -1.17 -10.16 2.62
C ARG A 44 -2.61 -10.11 3.09
N GLN A 45 -3.12 -11.10 3.84
CA GLN A 45 -4.49 -10.98 4.34
C GLN A 45 -4.58 -9.73 5.18
N SER A 46 -3.81 -9.62 6.30
CA SER A 46 -3.95 -8.47 7.18
C SER A 46 -3.61 -7.18 6.46
N ALA A 47 -2.48 -7.16 5.72
CA ALA A 47 -2.05 -5.94 5.05
C ALA A 47 -3.11 -5.51 4.06
N CYS A 48 -3.54 -6.41 3.14
CA CYS A 48 -4.53 -5.99 2.15
C CYS A 48 -5.86 -5.68 2.80
N ASN A 49 -6.22 -6.36 3.90
CA ASN A 49 -7.48 -6.01 4.56
C ASN A 49 -7.42 -4.57 5.02
N CYS A 50 -6.26 -4.09 5.54
CA CYS A 50 -6.14 -2.64 5.79
C CYS A 50 -6.27 -1.92 4.47
N LEU A 51 -5.60 -2.37 3.37
CA LEU A 51 -5.74 -1.68 2.09
C LEU A 51 -7.19 -1.50 1.70
N LYS A 52 -7.98 -2.58 1.51
CA LYS A 52 -9.36 -2.37 1.07
C LYS A 52 -10.14 -1.66 2.17
N GLY A 53 -9.94 -2.05 3.45
CA GLY A 53 -10.65 -1.38 4.53
C GLY A 53 -10.47 0.12 4.50
N ILE A 54 -9.22 0.62 4.33
CA ILE A 54 -8.97 2.05 4.36
C ILE A 54 -8.80 2.57 2.94
N ALA A 55 -7.81 2.11 2.16
CA ALA A 55 -7.52 2.79 0.89
C ALA A 55 -8.74 2.75 0.00
N ARG A 56 -9.25 1.56 -0.37
CA ARG A 56 -10.46 1.53 -1.20
C ARG A 56 -11.58 2.20 -0.43
N GLY A 57 -11.70 1.92 0.89
CA GLY A 57 -12.72 2.60 1.69
C GLY A 57 -12.74 4.09 1.42
N ILE A 58 -11.56 4.75 1.30
CA ILE A 58 -11.54 6.15 0.89
C ILE A 58 -11.92 6.12 -0.58
N HIS A 59 -13.23 6.08 -0.92
CA HIS A 59 -13.62 6.11 -2.33
C HIS A 59 -13.49 7.52 -2.87
N ASN A 60 -12.24 8.04 -2.89
CA ASN A 60 -11.98 9.44 -3.27
C ASN A 60 -10.47 9.58 -3.32
N LEU A 61 -9.83 8.85 -4.26
CA LEU A 61 -8.39 8.60 -4.13
C LEU A 61 -7.76 8.43 -5.51
N ASN A 62 -6.58 9.01 -5.79
CA ASN A 62 -6.00 8.89 -7.12
C ASN A 62 -5.31 7.55 -7.26
N GLU A 63 -6.04 6.46 -7.58
CA GLU A 63 -5.40 5.15 -7.68
C GLU A 63 -4.21 5.18 -8.62
N ASP A 64 -4.17 6.03 -9.67
CA ASP A 64 -2.95 6.10 -10.48
C ASP A 64 -1.78 6.37 -9.56
N ASN A 65 -1.89 7.33 -8.62
CA ASN A 65 -0.80 7.54 -7.66
C ASN A 65 -0.52 6.23 -6.93
N ALA A 66 -1.55 5.52 -6.43
CA ALA A 66 -1.27 4.24 -5.76
C ALA A 66 -0.43 3.33 -6.63
N ARG A 67 -0.73 3.23 -7.94
CA ARG A 67 0.10 2.40 -8.83
C ARG A 67 1.40 3.08 -9.24
N SER A 68 1.46 4.43 -9.34
CA SER A 68 2.66 5.10 -9.84
C SER A 68 3.69 5.33 -8.75
N ILE A 69 3.29 5.75 -7.54
CA ILE A 69 4.29 5.98 -6.48
C ILE A 69 5.28 4.83 -6.40
N PRO A 70 4.92 3.54 -6.21
CA PRO A 70 5.95 2.50 -6.12
C PRO A 70 6.98 2.49 -7.25
N PRO A 71 6.69 2.28 -8.56
CA PRO A 71 7.75 2.31 -9.56
C PRO A 71 8.29 3.70 -9.76
N LYS A 72 7.53 4.79 -9.44
CA LYS A 72 8.10 6.13 -9.58
C LYS A 72 9.33 6.22 -8.69
N CYS A 73 9.23 5.77 -7.42
CA CYS A 73 10.43 5.68 -6.59
C CYS A 73 11.35 4.57 -7.10
N GLY A 74 10.78 3.44 -7.58
CA GLY A 74 11.57 2.32 -8.06
C GLY A 74 11.50 1.11 -7.15
N VAL A 75 10.30 0.73 -6.64
CA VAL A 75 10.17 -0.45 -5.78
C VAL A 75 8.68 -0.74 -5.63
N ASN A 76 8.22 -2.00 -5.48
CA ASN A 76 6.78 -2.27 -5.47
C ASN A 76 6.42 -3.46 -4.62
N LEU A 77 5.12 -3.82 -4.50
CA LEU A 77 4.75 -4.96 -3.66
C LEU A 77 4.91 -6.25 -4.45
N PRO A 78 4.90 -7.47 -3.87
CA PRO A 78 4.97 -8.65 -4.73
C PRO A 78 3.83 -8.73 -5.73
N TYR A 79 2.69 -8.03 -5.48
CA TYR A 79 1.55 -8.05 -6.39
C TYR A 79 1.21 -6.63 -6.81
N THR A 80 2.23 -5.84 -7.21
CA THR A 80 1.98 -4.46 -7.64
C THR A 80 1.17 -3.69 -6.61
N ILE A 81 -0.18 -3.62 -6.70
CA ILE A 81 -0.96 -2.91 -5.68
C ILE A 81 -2.45 -3.23 -5.80
N SER A 82 -3.20 -3.52 -4.70
CA SER A 82 -4.58 -3.97 -4.84
C SER A 82 -5.61 -2.89 -5.12
N LEU A 83 -5.38 -1.57 -4.94
CA LEU A 83 -6.42 -0.59 -5.25
C LEU A 83 -7.19 -0.98 -6.50
N ASN A 84 -6.47 -1.21 -7.63
CA ASN A 84 -7.15 -1.55 -8.89
C ASN A 84 -7.19 -3.05 -9.15
N ILE A 85 -6.64 -3.93 -8.27
CA ILE A 85 -6.66 -5.38 -8.50
C ILE A 85 -7.17 -6.08 -7.25
N ASP A 86 -6.38 -6.87 -6.46
CA ASP A 86 -6.94 -7.63 -5.34
C ASP A 86 -5.88 -8.00 -4.33
N CYS A 87 -6.27 -8.53 -3.15
CA CYS A 87 -5.26 -8.96 -2.16
C CYS A 87 -4.18 -9.80 -2.81
N SER A 88 -4.52 -10.76 -3.70
CA SER A 88 -3.50 -11.54 -4.39
C SER A 88 -2.51 -12.11 -3.40
N ARG A 89 -2.88 -13.18 -2.65
CA ARG A 89 -2.03 -13.67 -1.58
C ARG A 89 -1.08 -14.71 -2.13
N VAL A 90 -1.60 -15.83 -2.68
CA VAL A 90 -0.73 -16.93 -3.14
C VAL A 90 -1.23 -17.40 -4.48
#